data_9CB8
#
_entry.id   9CB8
#
_cell.length_a   61.540
_cell.length_b   104.780
_cell.length_c   106.840
_cell.angle_alpha   90.000
_cell.angle_beta   90.000
_cell.angle_gamma   90.000
#
_symmetry.space_group_name_H-M   'P 21 21 21'
#
loop_
_entity.id
_entity.type
_entity.pdbx_description
1 polymer 'Dihydroorotate dehydrogenase'
2 non-polymer 'FLAVIN MONONUCLEOTIDE'
3 non-polymer GLYCEROL
4 non-polymer 5-benzyl-1,3-diazinane-2,4,6-trione
5 water water
#
_entity_poly.entity_id   1
_entity_poly.type   'polypeptide(L)'
_entity_poly.pdbx_seq_one_letter_code
;MGSSHHHHHHSSGLVPRGSHMASMTGGGQMGRGSMSLQVGILGNTFANPFMNAAGVMCSTEEELAAMTESTSGSLITKSC
TPALREGNPAPRYYTLPLGSINSMGLPNKGFDFYLAYSARHHDYSRKPLFISISGFSAEENAEMCKRLAPVAAEKGVILE
LNLSCPNVPGKPQVAYDFDAMRRYLAAISEAYPHPFGVKMPPYFDFAHFDAAAEILNQFPKVQFITCINSIGNGLVIDVE
TESVVIKPKQGFGGLGGRYVFPTALANVNAFYRRCPGKLIFGCGGVYTGEDAFLHVLAGASMVQVGTALHEEGAAIFERL
TAELLDVMAKKGYKALDEFRGKVKAMD
;
_entity_poly.pdbx_strand_id   A,B
#
loop_
_chem_comp.id
_chem_comp.type
_chem_comp.name
_chem_comp.formula
A1AVS non-polymer 5-benzyl-1,3-diazinane-2,4,6-trione 'C11 H10 N2 O3'
FMN non-polymer 'FLAVIN MONONUCLEOTIDE' 'C17 H21 N4 O9 P'
GOL non-polymer GLYCEROL 'C3 H8 O3'
#
# COMPACT_ATOMS: atom_id res chain seq x y z
N SER A 34 38.57 -6.05 -6.47
CA SER A 34 38.26 -7.47 -6.30
C SER A 34 36.75 -7.69 -6.11
N MET A 35 35.96 -6.68 -6.44
CA MET A 35 34.51 -6.75 -6.28
C MET A 35 33.82 -6.63 -7.63
N SER A 36 32.57 -7.08 -7.67
CA SER A 36 31.84 -7.14 -8.91
C SER A 36 30.35 -7.02 -8.62
N LEU A 37 29.65 -6.31 -9.51
CA LEU A 37 28.20 -6.22 -9.51
C LEU A 37 27.59 -7.18 -10.50
N GLN A 38 28.40 -8.06 -11.09
CA GLN A 38 27.88 -8.92 -12.13
C GLN A 38 26.77 -9.80 -11.59
N VAL A 39 25.82 -10.10 -12.47
CA VAL A 39 24.75 -11.03 -12.14
C VAL A 39 24.63 -12.02 -13.29
N GLY A 40 24.74 -13.29 -12.98
CA GLY A 40 24.70 -14.26 -14.05
C GLY A 40 23.38 -14.98 -14.04
N ILE A 41 22.44 -14.54 -14.88
CA ILE A 41 21.11 -15.14 -14.88
C ILE A 41 20.55 -15.23 -16.29
N LEU A 42 19.61 -16.15 -16.45
CA LEU A 42 18.95 -16.40 -17.72
C LEU A 42 19.97 -16.71 -18.81
N GLY A 43 21.10 -17.30 -18.42
CA GLY A 43 22.18 -17.59 -19.35
C GLY A 43 22.97 -16.41 -19.85
N ASN A 44 22.81 -15.23 -19.25
CA ASN A 44 23.55 -14.02 -19.60
C ASN A 44 24.38 -13.57 -18.42
N THR A 45 25.49 -12.87 -18.69
CA THR A 45 26.21 -12.14 -17.66
C THR A 45 25.80 -10.69 -17.77
N PHE A 46 25.08 -10.18 -16.77
CA PHE A 46 24.75 -8.76 -16.73
C PHE A 46 25.85 -8.02 -15.98
N ALA A 47 26.24 -6.85 -16.50
CA ALA A 47 27.34 -6.10 -15.89
C ALA A 47 27.04 -5.69 -14.46
N ASN A 48 25.77 -5.41 -14.17
CA ASN A 48 25.33 -5.01 -12.85
C ASN A 48 23.81 -5.25 -12.79
N PRO A 49 23.21 -5.19 -11.61
CA PRO A 49 21.79 -5.57 -11.49
C PRO A 49 20.78 -4.52 -11.94
N PHE A 50 21.21 -3.34 -12.41
CA PHE A 50 20.30 -2.21 -12.57
C PHE A 50 19.72 -2.16 -13.97
N MET A 51 18.44 -1.77 -14.03
CA MET A 51 17.75 -1.55 -15.29
C MET A 51 16.63 -0.56 -15.02
N ASN A 52 16.05 -0.04 -16.08
CA ASN A 52 14.87 0.78 -15.91
C ASN A 52 13.67 -0.11 -15.61
N ALA A 53 12.68 0.49 -14.93
CA ALA A 53 11.38 -0.13 -14.78
C ALA A 53 10.58 0.02 -16.07
N ALA A 54 9.79 -0.98 -16.39
CA ALA A 54 8.97 -0.89 -17.59
C ALA A 54 8.12 0.38 -17.53
N GLY A 55 8.04 1.09 -18.66
CA GLY A 55 7.28 2.33 -18.74
C GLY A 55 8.06 3.60 -18.50
N VAL A 56 9.28 3.53 -17.98
CA VAL A 56 10.08 4.71 -17.68
C VAL A 56 11.24 4.76 -18.67
N MET A 57 11.31 5.83 -19.46
CA MET A 57 12.43 6.11 -20.37
C MET A 57 12.62 4.96 -21.37
N CYS A 58 11.55 4.59 -22.05
CA CYS A 58 11.65 3.38 -22.85
C CYS A 58 10.60 3.29 -23.94
N SER A 59 9.91 4.40 -24.23
CA SER A 59 8.87 4.33 -25.24
C SER A 59 9.37 4.76 -26.62
N THR A 60 10.16 5.83 -26.69
CA THR A 60 10.69 6.36 -27.95
C THR A 60 12.05 5.75 -28.28
N GLU A 61 12.33 5.63 -29.57
CA GLU A 61 13.61 5.07 -30.00
C GLU A 61 14.79 5.82 -29.38
N GLU A 62 14.62 7.12 -29.10
CA GLU A 62 15.69 7.89 -28.48
C GLU A 62 15.88 7.51 -27.01
N GLU A 63 14.78 7.19 -26.31
CA GLU A 63 14.90 6.73 -24.93
C GLU A 63 15.58 5.37 -24.87
N LEU A 64 15.14 4.43 -25.71
CA LEU A 64 15.83 3.14 -25.78
C LEU A 64 17.33 3.35 -26.01
N ALA A 65 17.67 4.21 -26.97
CA ALA A 65 19.07 4.48 -27.26
C ALA A 65 19.81 5.03 -26.05
N ALA A 66 19.18 5.98 -25.34
CA ALA A 66 19.79 6.52 -24.12
C ALA A 66 19.97 5.43 -23.07
N MET A 67 19.00 4.52 -22.95
CA MET A 67 19.15 3.44 -21.98
C MET A 67 20.28 2.50 -22.39
N THR A 68 20.39 2.19 -23.68
CA THR A 68 21.47 1.31 -24.15
C THR A 68 22.83 1.95 -23.95
N GLU A 69 22.92 3.27 -24.15
CA GLU A 69 24.17 3.99 -23.97
C GLU A 69 24.58 4.10 -22.51
N SER A 70 23.63 3.95 -21.60
CA SER A 70 23.89 4.16 -20.18
C SER A 70 24.70 3.00 -19.61
N THR A 71 25.14 3.15 -18.36
CA THR A 71 25.87 2.10 -17.65
C THR A 71 24.96 1.05 -17.02
N SER A 72 23.67 1.04 -17.32
CA SER A 72 22.77 0.06 -16.71
C SER A 72 23.11 -1.34 -17.21
N GLY A 73 22.87 -2.34 -16.35
CA GLY A 73 23.10 -3.71 -16.73
C GLY A 73 22.14 -4.20 -17.80
N SER A 74 20.95 -3.61 -17.86
CA SER A 74 19.98 -4.01 -18.86
C SER A 74 18.97 -2.89 -19.04
N LEU A 75 17.96 -3.17 -19.87
CA LEU A 75 16.86 -2.25 -20.10
C LEU A 75 15.65 -3.06 -20.55
N ILE A 76 14.48 -2.46 -20.40
CA ILE A 76 13.21 -3.08 -20.80
C ILE A 76 12.38 -2.04 -21.53
N THR A 77 11.57 -2.51 -22.48
CA THR A 77 10.70 -1.67 -23.28
C THR A 77 9.40 -1.34 -22.56
N LYS A 78 8.72 -0.32 -23.04
CA LYS A 78 7.37 -0.01 -22.54
C LYS A 78 6.43 -1.18 -22.80
N SER A 79 5.55 -1.44 -21.83
CA SER A 79 4.55 -2.50 -22.00
C SER A 79 3.67 -2.18 -23.21
N CYS A 80 3.72 -3.04 -24.23
CA CYS A 80 3.05 -2.77 -25.48
C CYS A 80 1.81 -3.64 -25.65
N THR A 81 0.90 -3.16 -26.48
CA THR A 81 -0.31 -3.86 -26.85
C THR A 81 -0.35 -4.07 -28.36
N PRO A 82 -1.10 -5.08 -28.83
CA PRO A 82 -1.22 -5.35 -30.27
C PRO A 82 -1.59 -4.11 -31.07
N PRO A 91 -2.53 15.65 -18.29
CA PRO A 91 -1.53 15.09 -17.37
C PRO A 91 -1.85 13.66 -16.95
N ARG A 92 -0.98 12.72 -17.33
CA ARG A 92 -1.09 11.33 -16.92
C ARG A 92 0.02 10.90 -15.98
N TYR A 93 0.96 11.80 -15.67
CA TYR A 93 2.03 11.60 -14.68
C TYR A 93 1.99 12.78 -13.74
N TYR A 94 2.67 12.66 -12.60
CA TYR A 94 2.78 13.78 -11.68
C TYR A 94 3.82 13.52 -10.61
N THR A 95 4.76 14.46 -10.43
CA THR A 95 5.80 14.35 -9.41
C THR A 95 5.24 14.75 -8.05
N LEU A 96 5.39 13.86 -7.08
CA LEU A 96 5.00 14.13 -5.72
C LEU A 96 6.22 14.36 -4.83
N PRO A 97 6.03 14.91 -3.64
CA PRO A 97 7.19 15.10 -2.74
C PRO A 97 7.95 13.81 -2.49
N LEU A 98 7.24 12.68 -2.32
CA LEU A 98 7.86 11.43 -1.96
C LEU A 98 7.77 10.38 -3.06
N GLY A 99 7.52 10.78 -4.30
CA GLY A 99 7.43 9.81 -5.37
C GLY A 99 6.68 10.29 -6.60
N SER A 100 5.75 9.46 -7.09
CA SER A 100 5.02 9.74 -8.32
C SER A 100 3.65 9.10 -8.29
N ILE A 101 2.75 9.61 -9.13
CA ILE A 101 1.46 9.00 -9.42
C ILE A 101 1.25 9.05 -10.92
N ASN A 102 0.70 7.98 -11.49
CA ASN A 102 0.52 7.98 -12.94
C ASN A 102 -0.73 7.23 -13.34
N SER A 103 -1.35 7.68 -14.44
CA SER A 103 -2.43 6.96 -15.10
C SER A 103 -2.12 6.91 -16.60
N MET A 104 -0.94 6.37 -16.94
CA MET A 104 -0.53 6.29 -18.34
C MET A 104 -1.61 5.61 -19.20
N GLY A 105 -2.12 4.48 -18.73
CA GLY A 105 -3.10 3.72 -19.49
C GLY A 105 -2.56 3.30 -20.84
N PRO A 107 -0.39 3.62 -23.17
CA PRO A 107 0.08 4.38 -24.34
C PRO A 107 1.42 3.86 -24.85
N ASN A 108 1.39 3.29 -26.05
CA ASN A 108 2.58 2.65 -26.59
C ASN A 108 2.49 2.65 -28.11
N LYS A 109 3.67 2.56 -28.75
CA LYS A 109 3.79 2.54 -30.20
C LYS A 109 3.42 1.19 -30.82
N GLY A 110 2.84 0.28 -30.03
CA GLY A 110 2.38 -0.99 -30.56
C GLY A 110 3.43 -2.09 -30.46
N PHE A 111 2.93 -3.33 -30.51
CA PHE A 111 3.81 -4.48 -30.41
C PHE A 111 4.81 -4.54 -31.55
N ASP A 112 4.39 -4.14 -32.76
CA ASP A 112 5.25 -4.28 -33.93
C ASP A 112 6.47 -3.37 -33.85
N PHE A 113 6.31 -2.18 -33.25
CA PHE A 113 7.44 -1.27 -33.10
C PHE A 113 8.50 -1.84 -32.16
N TYR A 114 8.07 -2.45 -31.05
CA TYR A 114 9.01 -2.98 -30.08
C TYR A 114 9.56 -4.33 -30.52
N LEU A 115 8.72 -5.16 -31.16
CA LEU A 115 9.24 -6.37 -31.78
C LEU A 115 10.26 -6.05 -32.86
N ALA A 116 9.99 -5.03 -33.69
CA ALA A 116 10.96 -4.63 -34.70
C ALA A 116 12.24 -4.12 -34.07
N TYR A 117 12.14 -3.32 -33.01
CA TYR A 117 13.34 -2.87 -32.30
C TYR A 117 14.12 -4.05 -31.75
N SER A 118 13.42 -5.05 -31.21
CA SER A 118 14.09 -6.22 -30.67
C SER A 118 14.75 -7.05 -31.77
N ALA A 119 14.17 -7.06 -32.97
CA ALA A 119 14.63 -7.94 -34.04
C ALA A 119 15.87 -7.40 -34.74
N ARG A 120 15.90 -6.09 -35.03
CA ARG A 120 17.00 -5.59 -35.86
C ARG A 120 17.48 -4.18 -35.50
N HIS A 121 17.21 -3.67 -34.29
CA HIS A 121 17.65 -2.33 -33.93
C HIS A 121 18.35 -2.22 -32.59
N HIS A 122 18.31 -3.25 -31.75
CA HIS A 122 18.96 -3.21 -30.45
C HIS A 122 20.34 -3.84 -30.51
N ASP A 123 21.36 -3.11 -30.05
CA ASP A 123 22.72 -3.62 -29.95
C ASP A 123 22.83 -4.55 -28.74
N TYR A 124 22.74 -5.87 -28.98
CA TYR A 124 22.84 -6.85 -27.90
C TYR A 124 24.26 -7.02 -27.39
N SER A 125 25.27 -6.56 -28.14
CA SER A 125 26.63 -6.57 -27.62
C SER A 125 26.82 -5.55 -26.51
N ARG A 126 25.92 -4.55 -26.40
CA ARG A 126 25.99 -3.61 -25.28
C ARG A 126 25.41 -4.19 -23.99
N LYS A 127 24.19 -4.78 -24.08
CA LYS A 127 23.50 -5.35 -22.92
C LYS A 127 22.26 -6.14 -23.33
N PRO A 128 21.83 -7.11 -22.52
CA PRO A 128 20.60 -7.84 -22.85
C PRO A 128 19.38 -6.93 -22.77
N LEU A 129 18.32 -7.36 -23.45
CA LEU A 129 17.10 -6.59 -23.63
C LEU A 129 15.88 -7.40 -23.19
N PHE A 130 14.99 -6.77 -22.42
CA PHE A 130 13.70 -7.31 -22.04
C PHE A 130 12.60 -6.57 -22.79
N ILE A 131 11.50 -7.26 -23.07
CA ILE A 131 10.34 -6.64 -23.69
C ILE A 131 9.13 -6.93 -22.81
N SER A 132 8.36 -5.89 -22.51
CA SER A 132 7.17 -5.99 -21.68
C SER A 132 5.92 -6.00 -22.55
N ILE A 133 5.03 -6.95 -22.33
CA ILE A 133 3.76 -6.99 -23.05
C ILE A 133 2.61 -6.98 -22.05
N SER A 134 1.58 -6.22 -22.37
CA SER A 134 0.42 -6.09 -21.51
C SER A 134 -0.83 -6.10 -22.39
N GLY A 135 -1.14 -7.26 -22.94
CA GLY A 135 -2.35 -7.42 -23.70
C GLY A 135 -3.60 -7.37 -22.84
N PHE A 136 -4.72 -7.02 -23.47
CA PHE A 136 -5.99 -6.88 -22.78
C PHE A 136 -6.73 -8.19 -22.59
N SER A 137 -6.14 -9.32 -23.00
CA SER A 137 -6.73 -10.63 -22.74
C SER A 137 -5.62 -11.68 -22.86
N ALA A 138 -5.93 -12.89 -22.39
CA ALA A 138 -5.03 -14.02 -22.61
C ALA A 138 -4.83 -14.26 -24.11
N GLU A 139 -5.90 -14.11 -24.90
CA GLU A 139 -5.80 -14.30 -26.35
C GLU A 139 -4.80 -13.33 -26.96
N GLU A 140 -4.93 -12.04 -26.64
CA GLU A 140 -4.01 -11.04 -27.18
C GLU A 140 -2.58 -11.35 -26.79
N ASN A 141 -2.35 -11.61 -25.50
CA ASN A 141 -1.01 -11.96 -25.02
C ASN A 141 -0.44 -13.15 -25.79
N ALA A 142 -1.26 -14.20 -25.95
CA ALA A 142 -0.77 -15.40 -26.65
C ALA A 142 -0.42 -15.10 -28.11
N GLU A 143 -1.22 -14.26 -28.77
CA GLU A 143 -0.92 -13.89 -30.15
C GLU A 143 0.42 -13.18 -30.24
N MET A 144 0.65 -12.18 -29.37
CA MET A 144 1.92 -11.48 -29.35
C MET A 144 3.09 -12.42 -29.08
N CYS A 145 2.89 -13.46 -28.25
CA CYS A 145 3.99 -14.35 -27.90
C CYS A 145 4.38 -15.25 -29.07
N LYS A 146 3.38 -15.70 -29.85
CA LYS A 146 3.66 -16.50 -31.03
C LYS A 146 4.62 -15.78 -31.97
N ARG A 147 4.51 -14.45 -32.05
CA ARG A 147 5.35 -13.66 -32.96
C ARG A 147 6.71 -13.33 -32.37
N LEU A 148 6.79 -13.11 -31.05
CA LEU A 148 8.07 -12.84 -30.42
C LEU A 148 8.97 -14.09 -30.38
N ALA A 149 8.38 -15.28 -30.51
CA ALA A 149 9.16 -16.51 -30.37
C ALA A 149 10.34 -16.58 -31.32
N PRO A 150 10.17 -16.39 -32.63
CA PRO A 150 11.36 -16.37 -33.51
C PRO A 150 12.37 -15.30 -33.13
N VAL A 151 11.91 -14.08 -32.85
CA VAL A 151 12.83 -12.99 -32.52
C VAL A 151 13.56 -13.28 -31.21
N ALA A 152 12.88 -13.93 -30.26
CA ALA A 152 13.53 -14.29 -29.01
C ALA A 152 14.58 -15.37 -29.23
N ALA A 153 14.31 -16.31 -30.14
CA ALA A 153 15.24 -17.39 -30.41
C ALA A 153 16.47 -16.90 -31.16
N GLU A 154 16.30 -15.93 -32.06
CA GLU A 154 17.38 -15.47 -32.94
C GLU A 154 18.19 -14.31 -32.37
N LYS A 155 17.66 -13.61 -31.36
CA LYS A 155 18.34 -12.46 -30.78
C LYS A 155 18.50 -12.52 -29.27
N GLY A 156 17.70 -13.30 -28.56
CA GLY A 156 17.84 -13.45 -27.13
C GLY A 156 17.06 -12.46 -26.27
N VAL A 157 16.14 -11.69 -26.87
CA VAL A 157 15.30 -10.80 -26.08
C VAL A 157 14.43 -11.62 -25.10
N ILE A 158 14.13 -11.04 -23.95
CA ILE A 158 13.47 -11.76 -22.85
C ILE A 158 12.14 -11.10 -22.52
N LEU A 159 11.10 -11.91 -22.41
CA LEU A 159 9.73 -11.42 -22.20
C LEU A 159 9.43 -11.27 -20.70
N GLU A 160 8.82 -10.13 -20.33
CA GLU A 160 8.21 -9.92 -19.01
C GLU A 160 6.73 -9.65 -19.25
N LEU A 161 5.87 -10.53 -18.73
CA LEU A 161 4.42 -10.42 -18.92
C LEU A 161 3.85 -9.54 -17.81
N ASN A 162 3.16 -8.47 -18.17
CA ASN A 162 2.64 -7.52 -17.18
C ASN A 162 1.25 -8.00 -16.77
N LEU A 163 1.15 -8.57 -15.57
CA LEU A 163 -0.12 -9.00 -15.02
C LEU A 163 -0.67 -8.05 -13.98
N SER A 164 -0.22 -6.79 -13.96
CA SER A 164 -0.54 -5.85 -12.84
C SER A 164 -0.82 -4.39 -13.24
N CYS A 165 -1.17 -4.12 -14.59
CA CYS A 165 -1.49 -2.69 -14.87
C CYS A 165 -2.48 -2.31 -14.05
N PRO A 166 -2.38 -1.17 -13.33
CA PRO A 166 -3.43 -0.71 -12.45
C PRO A 166 -4.34 0.37 -13.03
N ASN A 167 -4.10 0.76 -14.29
CA ASN A 167 -4.86 1.86 -14.93
C ASN A 167 -5.67 1.34 -16.11
N VAL A 168 -5.92 0.03 -16.21
CA VAL A 168 -6.62 -0.54 -17.36
C VAL A 168 -8.12 -0.32 -17.18
N PRO A 169 -8.75 0.53 -17.99
CA PRO A 169 -10.17 0.89 -17.76
C PRO A 169 -11.08 -0.33 -17.74
N GLY A 170 -11.77 -0.52 -16.61
CA GLY A 170 -12.74 -1.59 -16.45
C GLY A 170 -12.17 -2.95 -16.07
N LYS A 171 -10.86 -3.07 -15.90
CA LYS A 171 -10.23 -4.38 -15.64
C LYS A 171 -9.24 -4.25 -14.48
N PRO A 172 -9.57 -4.78 -13.29
CA PRO A 172 -8.58 -4.78 -12.20
C PRO A 172 -7.32 -5.57 -12.57
N GLN A 173 -6.26 -5.33 -11.80
CA GLN A 173 -5.00 -6.05 -11.95
C GLN A 173 -5.26 -7.55 -12.11
N VAL A 174 -4.78 -8.12 -13.23
CA VAL A 174 -5.02 -9.53 -13.53
C VAL A 174 -4.61 -10.43 -12.37
N ALA A 175 -3.48 -10.13 -11.74
CA ALA A 175 -3.00 -11.01 -10.69
C ALA A 175 -3.72 -10.81 -9.35
N TYR A 176 -4.70 -9.92 -9.27
CA TYR A 176 -5.60 -9.89 -8.12
C TYR A 176 -6.77 -10.86 -8.30
N ASP A 177 -6.79 -11.59 -9.41
CA ASP A 177 -7.83 -12.58 -9.72
C ASP A 177 -7.09 -13.88 -10.03
N PHE A 178 -7.00 -14.79 -9.04
CA PHE A 178 -6.09 -15.92 -9.20
C PHE A 178 -6.54 -16.89 -10.28
N ASP A 179 -7.82 -16.93 -10.62
CA ASP A 179 -8.26 -17.77 -11.72
C ASP A 179 -7.83 -17.19 -13.06
N ALA A 180 -7.98 -15.86 -13.23
CA ALA A 180 -7.48 -15.23 -14.45
C ALA A 180 -5.98 -15.39 -14.56
N MET A 181 -5.26 -15.19 -13.44
CA MET A 181 -3.82 -15.36 -13.45
C MET A 181 -3.43 -16.74 -13.97
N ARG A 182 -4.06 -17.78 -13.42
CA ARG A 182 -3.74 -19.14 -13.85
C ARG A 182 -4.01 -19.34 -15.34
N ARG A 183 -5.08 -18.74 -15.88
CA ARG A 183 -5.41 -18.94 -17.29
C ARG A 183 -4.46 -18.17 -18.20
N TYR A 184 -4.04 -16.97 -17.79
CA TYR A 184 -3.04 -16.25 -18.56
C TYR A 184 -1.75 -17.06 -18.65
N LEU A 185 -1.27 -17.57 -17.51
CA LEU A 185 0.00 -18.30 -17.48
C LEU A 185 -0.08 -19.59 -18.29
N ALA A 186 -1.21 -20.31 -18.18
CA ALA A 186 -1.38 -21.51 -19.00
C ALA A 186 -1.40 -21.17 -20.48
N ALA A 187 -2.15 -20.14 -20.86
CA ALA A 187 -2.21 -19.75 -22.26
C ALA A 187 -0.84 -19.35 -22.79
N ILE A 188 -0.08 -18.57 -22.01
CA ILE A 188 1.24 -18.16 -22.46
C ILE A 188 2.19 -19.35 -22.52
N SER A 189 2.12 -20.25 -21.52
CA SER A 189 3.04 -21.39 -21.52
C SER A 189 2.77 -22.32 -22.69
N GLU A 190 1.52 -22.40 -23.16
CA GLU A 190 1.24 -23.26 -24.30
C GLU A 190 1.61 -22.59 -25.62
N ALA A 191 1.52 -21.26 -25.69
CA ALA A 191 1.80 -20.55 -26.93
C ALA A 191 3.27 -20.15 -27.09
N TYR A 192 4.02 -20.07 -25.99
CA TYR A 192 5.34 -19.45 -25.98
C TYR A 192 6.38 -20.49 -25.59
N PRO A 193 7.31 -20.85 -26.48
CA PRO A 193 8.25 -21.93 -26.16
C PRO A 193 9.37 -21.53 -25.23
N HIS A 194 9.63 -20.25 -25.08
CA HIS A 194 10.77 -19.81 -24.33
C HIS A 194 10.38 -19.47 -22.90
N PRO A 195 11.36 -19.36 -22.03
CA PRO A 195 11.10 -18.86 -20.67
C PRO A 195 10.66 -17.40 -20.71
N PHE A 196 9.94 -17.00 -19.66
CA PHE A 196 9.50 -15.63 -19.54
C PHE A 196 9.38 -15.28 -18.05
N GLY A 197 9.17 -13.99 -17.76
CA GLY A 197 8.93 -13.55 -16.41
C GLY A 197 7.56 -12.87 -16.30
N VAL A 198 7.14 -12.60 -15.06
CA VAL A 198 5.86 -11.94 -14.81
C VAL A 198 6.09 -10.74 -13.91
N LYS A 199 5.44 -9.63 -14.23
CA LYS A 199 5.45 -8.44 -13.38
C LYS A 199 4.21 -8.48 -12.48
N MET A 200 4.44 -8.53 -11.15
CA MET A 200 3.35 -8.74 -10.20
C MET A 200 2.91 -7.42 -9.56
N PRO A 201 1.64 -7.33 -9.21
CA PRO A 201 1.19 -6.24 -8.34
C PRO A 201 1.56 -6.53 -6.90
N PRO A 202 1.56 -5.51 -6.02
CA PRO A 202 1.83 -5.79 -4.61
C PRO A 202 0.70 -6.59 -3.96
N TYR A 203 1.08 -7.51 -3.07
CA TYR A 203 0.13 -8.11 -2.15
C TYR A 203 0.43 -7.64 -0.73
N PHE A 204 -0.57 -7.82 0.14
CA PHE A 204 -0.56 -7.24 1.48
C PHE A 204 -0.92 -8.22 2.58
N ASP A 205 -0.93 -9.52 2.30
CA ASP A 205 -1.13 -10.52 3.35
C ASP A 205 -0.62 -11.87 2.86
N PHE A 206 -0.28 -12.73 3.83
CA PHE A 206 0.37 -14.01 3.52
C PHE A 206 -0.55 -14.98 2.79
N ALA A 207 -1.87 -14.87 2.97
CA ALA A 207 -2.74 -15.76 2.20
C ALA A 207 -2.67 -15.45 0.71
N HIS A 208 -2.51 -14.18 0.33
CA HIS A 208 -2.35 -13.87 -1.08
C HIS A 208 -0.95 -14.23 -1.59
N PHE A 209 0.08 -13.96 -0.80
CA PHE A 209 1.42 -14.42 -1.19
C PHE A 209 1.42 -15.93 -1.45
N ASP A 210 0.86 -16.70 -0.52
CA ASP A 210 0.84 -18.16 -0.63
C ASP A 210 0.07 -18.64 -1.84
N ALA A 211 -1.06 -18.00 -2.12
CA ALA A 211 -1.86 -18.41 -3.27
C ALA A 211 -1.17 -18.03 -4.58
N ALA A 212 -0.62 -16.82 -4.64
CA ALA A 212 0.09 -16.41 -5.85
C ALA A 212 1.29 -17.31 -6.12
N ALA A 213 2.07 -17.62 -5.09
CA ALA A 213 3.27 -18.44 -5.30
C ALA A 213 2.93 -19.86 -5.69
N GLU A 214 1.90 -20.43 -5.07
CA GLU A 214 1.48 -21.78 -5.43
C GLU A 214 1.07 -21.88 -6.90
N ILE A 215 0.47 -20.83 -7.45
CA ILE A 215 0.14 -20.82 -8.88
C ILE A 215 1.40 -20.69 -9.73
N LEU A 216 2.28 -19.76 -9.37
CA LEU A 216 3.49 -19.55 -10.17
C LEU A 216 4.39 -20.78 -10.16
N ASN A 217 4.45 -21.48 -9.04
CA ASN A 217 5.29 -22.67 -8.94
C ASN A 217 4.82 -23.83 -9.80
N GLN A 218 3.64 -23.74 -10.42
CA GLN A 218 3.16 -24.78 -11.31
C GLN A 218 3.57 -24.54 -12.75
N PHE A 219 4.21 -23.41 -13.03
CA PHE A 219 4.56 -22.99 -14.38
C PHE A 219 6.08 -22.87 -14.50
N PRO A 220 6.76 -23.93 -14.89
CA PRO A 220 8.24 -23.88 -14.94
C PRO A 220 8.79 -22.89 -15.96
N LYS A 221 8.01 -22.49 -16.97
CA LYS A 221 8.51 -21.50 -17.92
C LYS A 221 8.60 -20.10 -17.31
N VAL A 222 7.90 -19.85 -16.21
CA VAL A 222 8.05 -18.57 -15.50
C VAL A 222 9.37 -18.63 -14.74
N GLN A 223 10.42 -18.01 -15.29
CA GLN A 223 11.76 -18.07 -14.68
C GLN A 223 12.07 -16.87 -13.80
N PHE A 224 11.28 -15.80 -13.87
CA PHE A 224 11.52 -14.72 -12.94
C PHE A 224 10.21 -14.01 -12.67
N ILE A 225 10.17 -13.39 -11.49
CA ILE A 225 9.02 -12.66 -10.98
C ILE A 225 9.51 -11.27 -10.63
N THR A 226 8.87 -10.23 -11.19
CA THR A 226 9.23 -8.84 -10.87
C THR A 226 8.24 -8.27 -9.86
N CYS A 227 8.74 -7.88 -8.68
CA CYS A 227 7.97 -7.26 -7.62
C CYS A 227 8.56 -5.89 -7.34
N ILE A 228 7.82 -4.80 -7.56
CA ILE A 228 6.36 -4.74 -7.80
C ILE A 228 6.03 -3.71 -8.87
N ASN A 229 4.85 -3.84 -9.46
CA ASN A 229 4.27 -2.74 -10.19
C ASN A 229 3.84 -1.68 -9.18
N SER A 230 3.33 -0.56 -9.68
N SER A 230 3.33 -0.57 -9.67
CA SER A 230 2.93 0.53 -8.80
CA SER A 230 2.92 0.52 -8.79
C SER A 230 1.84 0.07 -7.83
C SER A 230 1.84 0.05 -7.81
N ILE A 231 1.76 0.73 -6.67
CA ILE A 231 0.64 0.51 -5.75
C ILE A 231 -0.60 1.16 -6.35
N GLY A 232 -1.61 0.35 -6.63
CA GLY A 232 -2.69 0.78 -7.49
C GLY A 232 -3.66 1.75 -6.84
N ASN A 233 -4.19 2.65 -7.66
CA ASN A 233 -5.35 3.47 -7.35
C ASN A 233 -5.19 4.25 -6.04
N GLY A 234 -4.02 4.90 -5.90
CA GLY A 234 -3.90 5.99 -4.95
C GLY A 234 -4.57 7.25 -5.50
N LEU A 235 -4.64 8.28 -4.66
CA LEU A 235 -5.32 9.52 -5.03
C LEU A 235 -4.53 10.70 -4.50
N VAL A 236 -4.17 11.66 -5.37
CA VAL A 236 -3.47 12.85 -4.96
C VAL A 236 -4.31 14.07 -5.30
N ILE A 237 -4.42 15.01 -4.36
CA ILE A 237 -5.22 16.23 -4.49
C ILE A 237 -4.33 17.42 -4.19
N ASP A 238 -4.47 18.49 -4.98
CA ASP A 238 -3.70 19.71 -4.78
C ASP A 238 -4.45 20.65 -3.84
N VAL A 239 -3.75 21.11 -2.78
CA VAL A 239 -4.39 21.95 -1.77
C VAL A 239 -4.89 23.26 -2.40
N GLU A 240 -4.05 23.89 -3.23
CA GLU A 240 -4.43 25.19 -3.80
C GLU A 240 -5.66 25.08 -4.70
N THR A 241 -5.64 24.17 -5.66
CA THR A 241 -6.74 24.05 -6.60
C THR A 241 -7.88 23.18 -6.09
N GLU A 242 -7.69 22.45 -4.99
CA GLU A 242 -8.69 21.49 -4.51
C GLU A 242 -9.07 20.49 -5.59
N SER A 243 -8.14 20.20 -6.51
CA SER A 243 -8.41 19.30 -7.62
C SER A 243 -7.41 18.15 -7.62
N VAL A 244 -7.85 17.01 -8.15
CA VAL A 244 -6.95 15.89 -8.39
C VAL A 244 -5.90 16.30 -9.42
N VAL A 245 -4.73 15.65 -9.38
CA VAL A 245 -3.61 16.11 -10.17
C VAL A 245 -3.46 15.37 -11.50
N ILE A 246 -4.21 14.29 -11.72
CA ILE A 246 -4.21 13.61 -13.01
C ILE A 246 -5.65 13.47 -13.44
N LYS A 247 -5.88 13.49 -14.75
CA LYS A 247 -7.22 13.66 -15.29
C LYS A 247 -8.01 12.35 -15.36
N PRO A 248 -7.45 11.26 -15.89
CA PRO A 248 -8.24 10.03 -16.05
C PRO A 248 -8.64 9.41 -14.72
N LYS A 249 -9.77 8.71 -14.74
CA LYS A 249 -10.17 7.83 -13.62
C LYS A 249 -10.43 8.63 -12.34
N GLN A 250 -10.97 9.84 -12.47
CA GLN A 250 -11.28 10.69 -11.31
C GLN A 250 -10.06 10.91 -10.42
N GLY A 251 -8.87 10.91 -11.02
CA GLY A 251 -7.65 11.22 -10.31
C GLY A 251 -6.94 10.04 -9.67
N PHE A 252 -7.53 8.84 -9.71
CA PHE A 252 -6.88 7.65 -9.14
C PHE A 252 -5.79 7.17 -10.09
N GLY A 253 -4.64 6.76 -9.53
CA GLY A 253 -3.52 6.31 -10.36
C GLY A 253 -2.53 5.51 -9.54
N GLY A 254 -1.52 4.96 -10.24
CA GLY A 254 -0.54 4.11 -9.58
C GLY A 254 0.57 4.92 -8.90
N LEU A 255 0.92 4.50 -7.68
CA LEU A 255 1.95 5.15 -6.89
C LEU A 255 3.30 4.49 -7.12
N GLY A 256 4.35 5.31 -7.24
CA GLY A 256 5.71 4.83 -7.29
C GLY A 256 6.61 5.70 -6.44
N GLY A 257 7.84 5.24 -6.27
CA GLY A 257 8.79 6.03 -5.51
C GLY A 257 8.87 5.71 -4.03
N ARG A 258 9.16 6.71 -3.20
CA ARG A 258 9.46 6.45 -1.79
C ARG A 258 8.26 5.84 -1.08
N TYR A 259 7.04 6.13 -1.56
CA TYR A 259 5.84 5.56 -0.94
C TYR A 259 5.87 4.04 -0.89
N VAL A 260 6.45 3.40 -1.90
CA VAL A 260 6.21 1.97 -2.12
C VAL A 260 7.38 1.10 -1.67
N PHE A 261 8.43 1.69 -1.10
CA PHE A 261 9.65 0.91 -0.85
C PHE A 261 9.45 -0.21 0.16
N PRO A 262 8.90 0.01 1.35
CA PRO A 262 8.68 -1.13 2.24
C PRO A 262 7.73 -2.16 1.67
N THR A 263 6.72 -1.73 0.90
CA THR A 263 5.84 -2.71 0.27
C THR A 263 6.60 -3.54 -0.77
N ALA A 264 7.46 -2.88 -1.56
CA ALA A 264 8.26 -3.58 -2.56
C ALA A 264 9.20 -4.60 -1.91
N LEU A 265 9.93 -4.20 -0.85
CA LEU A 265 10.83 -5.14 -0.18
C LEU A 265 10.06 -6.35 0.36
N ALA A 266 8.89 -6.11 0.95
CA ALA A 266 8.09 -7.21 1.47
C ALA A 266 7.71 -8.18 0.38
N ASN A 267 7.31 -7.66 -0.78
CA ASN A 267 6.90 -8.54 -1.86
C ASN A 267 8.09 -9.28 -2.45
N VAL A 268 9.22 -8.59 -2.64
CA VAL A 268 10.44 -9.28 -3.09
C VAL A 268 10.77 -10.42 -2.13
N ASN A 269 10.83 -10.13 -0.83
CA ASN A 269 11.20 -11.19 0.10
C ASN A 269 10.16 -12.29 0.17
N ALA A 270 8.86 -11.94 0.16
CA ALA A 270 7.84 -12.99 0.24
C ALA A 270 7.93 -13.97 -0.94
N PHE A 271 8.19 -13.47 -2.15
CA PHE A 271 8.26 -14.39 -3.28
C PHE A 271 9.63 -15.05 -3.37
N TYR A 272 10.68 -14.37 -2.89
CA TYR A 272 11.98 -15.03 -2.77
C TYR A 272 11.89 -16.29 -1.91
N ARG A 273 11.22 -16.19 -0.76
CA ARG A 273 11.06 -17.34 0.14
C ARG A 273 10.16 -18.41 -0.46
N ARG A 274 9.09 -18.03 -1.16
CA ARG A 274 8.13 -19.03 -1.62
C ARG A 274 8.43 -19.59 -3.00
N CYS A 275 9.33 -18.99 -3.77
CA CYS A 275 9.62 -19.43 -5.13
C CYS A 275 11.12 -19.58 -5.28
N PRO A 276 11.74 -20.47 -4.48
CA PRO A 276 13.20 -20.64 -4.56
C PRO A 276 13.69 -21.12 -5.91
N GLY A 277 12.83 -21.66 -6.76
CA GLY A 277 13.21 -22.09 -8.09
C GLY A 277 13.14 -21.02 -9.16
N LYS A 278 12.79 -19.79 -8.80
CA LYS A 278 12.68 -18.70 -9.74
C LYS A 278 13.58 -17.56 -9.28
N LEU A 279 13.88 -16.66 -10.20
CA LEU A 279 14.56 -15.41 -9.86
C LEU A 279 13.52 -14.37 -9.47
N ILE A 280 13.88 -13.48 -8.54
CA ILE A 280 13.05 -12.32 -8.20
C ILE A 280 13.76 -11.07 -8.72
N PHE A 281 13.04 -10.22 -9.45
CA PHE A 281 13.54 -8.89 -9.78
C PHE A 281 12.83 -7.91 -8.85
N GLY A 282 13.59 -7.01 -8.24
CA GLY A 282 13.01 -6.01 -7.35
C GLY A 282 12.71 -4.73 -8.13
N CYS A 283 11.56 -4.13 -7.83
CA CYS A 283 11.21 -2.86 -8.44
C CYS A 283 10.40 -2.09 -7.40
N GLY A 284 10.81 -0.86 -7.11
CA GLY A 284 10.01 -0.05 -6.21
C GLY A 284 10.84 0.73 -5.24
N GLY A 285 10.80 2.05 -5.36
CA GLY A 285 11.40 2.90 -4.35
C GLY A 285 12.90 3.01 -4.33
N VAL A 286 13.59 2.62 -5.40
CA VAL A 286 15.05 2.68 -5.41
C VAL A 286 15.49 4.09 -5.82
N TYR A 287 16.21 4.76 -4.92
CA TYR A 287 16.89 6.01 -5.22
C TYR A 287 18.38 5.96 -4.98
N THR A 288 18.87 5.05 -4.15
CA THR A 288 20.28 5.02 -3.79
C THR A 288 20.80 3.58 -3.92
N GLY A 289 22.13 3.44 -3.94
CA GLY A 289 22.70 2.10 -3.91
C GLY A 289 22.38 1.37 -2.62
N GLU A 290 22.15 2.12 -1.53
CA GLU A 290 21.70 1.50 -0.29
C GLU A 290 20.29 0.93 -0.44
N ASP A 291 19.40 1.63 -1.16
CA ASP A 291 18.10 1.02 -1.46
C ASP A 291 18.26 -0.26 -2.26
N ALA A 292 19.15 -0.25 -3.26
CA ALA A 292 19.38 -1.42 -4.08
C ALA A 292 19.95 -2.56 -3.25
N PHE A 293 20.88 -2.23 -2.35
CA PHE A 293 21.44 -3.22 -1.43
C PHE A 293 20.34 -3.93 -0.64
N LEU A 294 19.35 -3.17 -0.12
CA LEU A 294 18.27 -3.81 0.63
C LEU A 294 17.41 -4.70 -0.26
N HIS A 295 17.15 -4.27 -1.50
CA HIS A 295 16.42 -5.11 -2.44
C HIS A 295 17.13 -6.45 -2.64
N VAL A 296 18.45 -6.41 -2.84
CA VAL A 296 19.23 -7.65 -3.03
C VAL A 296 19.20 -8.51 -1.76
N LEU A 297 19.41 -7.88 -0.59
CA LEU A 297 19.30 -8.58 0.68
C LEU A 297 17.96 -9.31 0.82
N ALA A 298 16.88 -8.69 0.34
CA ALA A 298 15.56 -9.29 0.39
C ALA A 298 15.40 -10.41 -0.62
N GLY A 299 16.25 -10.44 -1.66
CA GLY A 299 16.21 -11.54 -2.60
C GLY A 299 16.34 -11.15 -4.06
N ALA A 300 16.46 -9.86 -4.39
CA ALA A 300 16.42 -9.46 -5.79
C ALA A 300 17.69 -9.85 -6.54
N SER A 301 17.50 -10.38 -7.75
CA SER A 301 18.60 -10.63 -8.69
C SER A 301 18.91 -9.39 -9.53
N MET A 302 17.89 -8.79 -10.14
CA MET A 302 17.97 -7.51 -10.82
C MET A 302 17.20 -6.48 -9.99
N VAL A 303 17.54 -5.20 -10.20
CA VAL A 303 16.91 -4.09 -9.49
C VAL A 303 16.48 -3.05 -10.52
N GLN A 304 15.18 -2.83 -10.64
CA GLN A 304 14.61 -1.91 -11.61
C GLN A 304 14.36 -0.55 -10.95
N VAL A 305 14.46 0.50 -11.74
CA VAL A 305 14.43 1.88 -11.24
C VAL A 305 13.45 2.66 -12.10
N GLY A 306 12.39 3.18 -11.48
CA GLY A 306 11.31 3.83 -12.21
C GLY A 306 11.25 5.32 -11.92
N THR A 307 10.58 5.70 -10.82
CA THR A 307 10.41 7.12 -10.47
C THR A 307 11.76 7.86 -10.41
N ALA A 308 12.75 7.31 -9.69
CA ALA A 308 14.01 8.03 -9.54
C ALA A 308 14.72 8.22 -10.89
N LEU A 309 14.54 7.28 -11.83
CA LEU A 309 15.09 7.41 -13.17
C LEU A 309 14.36 8.47 -13.98
N HIS A 310 13.02 8.50 -13.88
CA HIS A 310 12.23 9.54 -14.52
C HIS A 310 12.66 10.93 -14.07
N GLU A 311 13.11 11.06 -12.83
CA GLU A 311 13.50 12.38 -12.31
C GLU A 311 14.93 12.72 -12.70
N GLU A 312 15.82 11.75 -12.70
CA GLU A 312 17.25 11.99 -12.82
C GLU A 312 17.84 11.61 -14.17
N GLY A 313 17.14 10.85 -15.01
CA GLY A 313 17.70 10.41 -16.28
C GLY A 313 18.79 9.36 -16.09
N ALA A 314 19.30 8.87 -17.24
CA ALA A 314 20.14 7.68 -17.29
C ALA A 314 21.47 7.82 -16.56
N ALA A 315 21.90 9.04 -16.24
CA ALA A 315 23.12 9.21 -15.45
C ALA A 315 22.99 8.58 -14.06
N ILE A 316 21.76 8.34 -13.59
CA ILE A 316 21.58 7.77 -12.26
C ILE A 316 22.29 6.43 -12.13
N PHE A 317 22.36 5.64 -13.20
CA PHE A 317 22.99 4.33 -13.09
C PHE A 317 24.48 4.41 -12.76
N GLU A 318 25.16 5.47 -13.23
CA GLU A 318 26.53 5.69 -12.80
C GLU A 318 26.61 5.88 -11.29
N ARG A 319 25.68 6.64 -10.74
CA ARG A 319 25.66 6.89 -9.30
C ARG A 319 25.25 5.63 -8.53
N LEU A 320 24.24 4.90 -9.02
CA LEU A 320 23.76 3.71 -8.32
C LEU A 320 24.83 2.63 -8.23
N THR A 321 25.54 2.35 -9.32
CA THR A 321 26.58 1.32 -9.23
C THR A 321 27.66 1.69 -8.24
N ALA A 322 28.07 2.97 -8.22
CA ALA A 322 29.14 3.37 -7.31
C ALA A 322 28.68 3.30 -5.86
N GLU A 323 27.43 3.69 -5.59
CA GLU A 323 26.92 3.63 -4.23
C GLU A 323 26.78 2.20 -3.74
N LEU A 324 26.30 1.30 -4.60
CA LEU A 324 26.20 -0.11 -4.22
C LEU A 324 27.58 -0.71 -3.95
N LEU A 325 28.55 -0.45 -4.84
CA LEU A 325 29.90 -0.94 -4.60
C LEU A 325 30.48 -0.37 -3.32
N ASP A 326 30.13 0.88 -3.01
CA ASP A 326 30.54 1.51 -1.77
C ASP A 326 30.02 0.76 -0.55
N VAL A 327 28.73 0.43 -0.54
CA VAL A 327 28.18 -0.31 0.59
C VAL A 327 28.84 -1.67 0.70
N MET A 328 29.03 -2.36 -0.43
CA MET A 328 29.68 -3.67 -0.42
C MET A 328 31.10 -3.58 0.11
N ALA A 329 31.86 -2.57 -0.34
CA ALA A 329 33.21 -2.37 0.17
C ALA A 329 33.21 -2.25 1.68
N LYS A 330 32.35 -1.40 2.22
CA LYS A 330 32.29 -1.19 3.67
C LYS A 330 31.98 -2.47 4.42
N LYS A 331 31.28 -3.40 3.80
CA LYS A 331 30.95 -4.65 4.48
C LYS A 331 31.87 -5.79 4.11
N GLY A 332 32.75 -5.59 3.13
CA GLY A 332 33.67 -6.64 2.73
C GLY A 332 33.09 -7.64 1.77
N TYR A 333 31.97 -7.31 1.12
CA TYR A 333 31.37 -8.19 0.13
C TYR A 333 32.07 -8.03 -1.21
N LYS A 334 32.29 -9.15 -1.89
CA LYS A 334 32.92 -9.14 -3.20
C LYS A 334 31.95 -9.46 -4.34
N ALA A 335 30.82 -10.10 -4.06
CA ALA A 335 29.85 -10.41 -5.09
C ALA A 335 28.45 -10.37 -4.48
N LEU A 336 27.47 -10.06 -5.32
CA LEU A 336 26.08 -10.04 -4.86
C LEU A 336 25.62 -11.40 -4.36
N ASP A 337 26.10 -12.50 -4.97
CA ASP A 337 25.72 -13.85 -4.51
C ASP A 337 26.05 -14.07 -3.05
N GLU A 338 26.91 -13.23 -2.45
CA GLU A 338 27.27 -13.44 -1.04
C GLU A 338 26.18 -13.00 -0.08
N PHE A 339 25.27 -12.12 -0.49
CA PHE A 339 24.24 -11.65 0.45
C PHE A 339 22.84 -11.61 -0.15
N ARG A 340 22.67 -11.93 -1.44
CA ARG A 340 21.33 -11.94 -2.01
C ARG A 340 20.44 -12.88 -1.19
N GLY A 341 19.32 -12.35 -0.71
CA GLY A 341 18.36 -13.09 0.08
C GLY A 341 18.74 -13.37 1.51
N LYS A 342 19.87 -12.84 2.00
CA LYS A 342 20.37 -13.17 3.32
C LYS A 342 19.92 -12.19 4.39
N VAL A 343 18.77 -11.54 4.21
CA VAL A 343 18.23 -10.73 5.29
C VAL A 343 18.11 -11.59 6.55
N LYS A 344 18.51 -11.04 7.69
CA LYS A 344 18.48 -11.77 8.94
C LYS A 344 17.24 -11.46 9.77
N ALA A 345 16.75 -12.47 10.48
CA ALA A 345 15.91 -12.22 11.64
C ALA A 345 16.78 -11.68 12.77
N MET A 346 16.22 -10.76 13.55
CA MET A 346 17.03 -10.06 14.56
C MET A 346 17.17 -10.84 15.86
N SER B 34 -16.05 33.61 13.24
CA SER B 34 -17.07 33.09 12.33
C SER B 34 -16.62 31.78 11.66
N MET B 35 -15.34 31.42 11.79
CA MET B 35 -14.84 30.14 11.30
C MET B 35 -15.03 29.05 12.35
N SER B 36 -15.28 27.83 11.87
CA SER B 36 -15.66 26.76 12.78
C SER B 36 -15.18 25.40 12.25
N LEU B 37 -14.61 24.62 13.16
CA LEU B 37 -14.23 23.24 12.89
C LEU B 37 -15.24 22.25 13.45
N GLN B 38 -16.40 22.72 13.93
CA GLN B 38 -17.38 21.80 14.52
C GLN B 38 -17.88 20.79 13.50
N VAL B 39 -18.16 19.58 14.00
CA VAL B 39 -18.72 18.49 13.23
C VAL B 39 -19.96 18.03 13.97
N GLY B 40 -21.08 17.98 13.28
CA GLY B 40 -22.30 17.52 13.92
C GLY B 40 -22.70 16.22 13.27
N ILE B 41 -22.38 15.08 13.90
CA ILE B 41 -22.66 13.77 13.34
C ILE B 41 -23.05 12.83 14.47
N LEU B 42 -23.79 11.78 14.13
CA LEU B 42 -24.09 10.69 15.05
C LEU B 42 -24.79 11.18 16.32
N GLY B 43 -25.58 12.25 16.22
CA GLY B 43 -26.24 12.79 17.38
C GLY B 43 -25.35 13.51 18.36
N ASN B 44 -24.11 13.80 18.00
CA ASN B 44 -23.15 14.49 18.85
C ASN B 44 -22.63 15.74 18.18
N THR B 45 -22.15 16.67 19.00
CA THR B 45 -21.38 17.80 18.50
C THR B 45 -19.91 17.57 18.84
N PHE B 46 -19.05 17.56 17.82
CA PHE B 46 -17.61 17.51 18.03
C PHE B 46 -16.98 18.88 17.82
N ALA B 47 -16.07 19.25 18.73
CA ALA B 47 -15.44 20.57 18.66
C ALA B 47 -14.63 20.72 17.40
N ASN B 48 -14.04 19.63 16.92
CA ASN B 48 -13.26 19.64 15.71
C ASN B 48 -13.18 18.20 15.21
N PRO B 49 -12.68 17.98 14.01
CA PRO B 49 -12.73 16.63 13.42
C PRO B 49 -11.67 15.67 13.94
N PHE B 50 -10.74 16.12 14.78
CA PHE B 50 -9.55 15.31 15.06
C PHE B 50 -9.76 14.36 16.23
N MET B 51 -9.15 13.19 16.12
CA MET B 51 -9.10 12.21 17.21
C MET B 51 -7.85 11.36 17.00
N ASN B 52 -7.53 10.53 17.99
CA ASN B 52 -6.45 9.58 17.74
C ASN B 52 -6.95 8.47 16.82
N ALA B 53 -6.00 7.81 16.16
CA ALA B 53 -6.29 6.55 15.50
C ALA B 53 -6.25 5.44 16.53
N ALA B 54 -7.10 4.44 16.36
CA ALA B 54 -7.15 3.34 17.33
C ALA B 54 -5.77 2.74 17.47
N GLY B 55 -5.37 2.41 18.71
CA GLY B 55 -4.09 1.80 18.97
C GLY B 55 -2.97 2.77 19.34
N VAL B 56 -3.15 4.06 19.07
CA VAL B 56 -2.14 5.08 19.37
C VAL B 56 -2.62 5.90 20.55
N MET B 57 -1.83 5.88 21.63
N MET B 57 -1.82 5.91 21.61
CA MET B 57 -2.06 6.68 22.83
CA MET B 57 -2.07 6.70 22.82
C MET B 57 -3.44 6.44 23.42
C MET B 57 -3.49 6.44 23.35
N CYS B 58 -3.81 5.16 23.57
CA CYS B 58 -5.17 4.87 24.03
C CYS B 58 -5.31 3.52 24.71
N SER B 59 -4.22 2.95 25.24
CA SER B 59 -4.23 1.63 25.86
C SER B 59 -4.41 1.66 27.37
N THR B 60 -3.87 2.67 28.06
CA THR B 60 -3.95 2.79 29.51
C THR B 60 -4.87 3.94 29.91
N GLU B 61 -5.29 3.92 31.17
CA GLU B 61 -6.07 5.01 31.71
C GLU B 61 -5.33 6.35 31.58
N GLU B 62 -4.03 6.35 31.86
CA GLU B 62 -3.27 7.59 31.74
C GLU B 62 -3.31 8.16 30.32
N GLU B 63 -3.18 7.30 29.30
CA GLU B 63 -3.23 7.76 27.91
C GLU B 63 -4.62 8.26 27.54
N LEU B 64 -5.66 7.53 27.94
CA LEU B 64 -7.02 7.97 27.65
C LEU B 64 -7.33 9.30 28.33
N ALA B 65 -6.83 9.48 29.57
CA ALA B 65 -7.04 10.75 30.26
C ALA B 65 -6.32 11.88 29.55
N ALA B 66 -5.12 11.60 29.06
CA ALA B 66 -4.36 12.60 28.29
C ALA B 66 -5.09 12.96 27.00
N MET B 67 -5.68 11.96 26.32
CA MET B 67 -6.46 12.27 25.12
C MET B 67 -7.69 13.10 25.46
N THR B 68 -8.34 12.80 26.60
CA THR B 68 -9.52 13.56 27.00
C THR B 68 -9.16 15.01 27.33
N GLU B 69 -8.04 15.21 28.02
CA GLU B 69 -7.59 16.56 28.38
C GLU B 69 -7.06 17.34 27.17
N SER B 70 -6.69 16.65 26.09
CA SER B 70 -6.15 17.31 24.89
C SER B 70 -7.25 18.11 24.19
N THR B 71 -6.89 18.82 23.13
CA THR B 71 -7.88 19.60 22.38
C THR B 71 -8.54 18.78 21.26
N SER B 72 -8.29 17.48 21.17
CA SER B 72 -8.93 16.68 20.12
C SER B 72 -10.46 16.73 20.24
N GLY B 73 -11.12 16.60 19.09
CA GLY B 73 -12.58 16.57 19.08
C GLY B 73 -13.15 15.28 19.67
N SER B 74 -12.37 14.19 19.62
CA SER B 74 -12.82 12.93 20.17
C SER B 74 -11.60 12.06 20.45
N LEU B 75 -11.87 10.80 20.84
CA LEU B 75 -10.81 9.82 21.07
C LEU B 75 -11.42 8.44 20.96
N ILE B 76 -10.55 7.45 20.74
CA ILE B 76 -10.99 6.07 20.58
C ILE B 76 -10.05 5.18 21.40
N THR B 77 -10.61 4.12 21.97
CA THR B 77 -9.77 3.21 22.74
C THR B 77 -8.95 2.28 21.84
N LYS B 78 -7.95 1.66 22.45
CA LYS B 78 -7.22 0.58 21.79
C LYS B 78 -8.17 -0.56 21.41
N SER B 79 -7.99 -1.14 20.21
CA SER B 79 -8.78 -2.33 19.84
C SER B 79 -8.62 -3.42 20.90
N CYS B 80 -9.72 -3.95 21.39
CA CYS B 80 -9.63 -4.90 22.48
C CYS B 80 -10.16 -6.28 22.09
N THR B 81 -9.68 -7.27 22.83
CA THR B 81 -10.12 -8.65 22.77
C THR B 81 -10.87 -8.99 24.05
N PRO B 82 -11.60 -10.11 24.08
CA PRO B 82 -12.39 -10.42 25.28
C PRO B 82 -11.53 -10.53 26.53
N ALA B 83 -10.30 -11.05 26.43
CA ALA B 83 -9.37 -11.15 27.54
C ALA B 83 -8.13 -10.31 27.28
N LEU B 84 -7.45 -9.96 28.37
CA LEU B 84 -6.18 -9.25 28.29
C LEU B 84 -5.17 -10.03 27.44
N ARG B 85 -4.32 -9.29 26.74
CA ARG B 85 -3.24 -9.85 25.92
C ARG B 85 -2.00 -9.00 26.06
N GLU B 86 -0.84 -9.66 26.13
CA GLU B 86 0.44 -8.97 26.20
C GLU B 86 1.00 -8.56 24.83
N GLY B 87 0.50 -9.13 23.72
CA GLY B 87 0.96 -8.76 22.38
C GLY B 87 2.20 -9.50 21.91
N ASN B 88 2.67 -9.08 20.72
CA ASN B 88 3.84 -9.70 20.09
C ASN B 88 5.14 -9.34 20.83
N PRO B 89 6.17 -10.17 20.73
CA PRO B 89 7.44 -9.84 21.39
C PRO B 89 8.10 -8.60 20.76
N ALA B 90 8.77 -7.82 21.61
CA ALA B 90 9.41 -6.58 21.17
C ALA B 90 10.74 -6.87 20.48
N PRO B 91 11.26 -5.91 19.69
CA PRO B 91 10.62 -4.66 19.27
C PRO B 91 9.49 -4.94 18.29
N ARG B 92 8.33 -4.30 18.47
CA ARG B 92 7.19 -4.50 17.58
C ARG B 92 6.72 -3.19 16.95
N TYR B 93 7.45 -2.10 17.17
CA TYR B 93 7.19 -0.81 16.54
C TYR B 93 8.52 -0.24 16.10
N TYR B 94 8.54 0.46 14.98
CA TYR B 94 9.80 1.05 14.54
C TYR B 94 9.49 2.31 13.74
N THR B 95 10.23 3.37 14.05
CA THR B 95 10.10 4.64 13.32
C THR B 95 10.88 4.59 12.02
N LEU B 96 10.21 4.91 10.93
CA LEU B 96 10.77 4.86 9.60
C LEU B 96 11.04 6.28 9.10
N PRO B 97 11.85 6.44 8.05
CA PRO B 97 12.08 7.79 7.52
C PRO B 97 10.78 8.55 7.26
N LEU B 98 9.77 7.86 6.72
CA LEU B 98 8.53 8.51 6.28
C LEU B 98 7.30 7.96 7.02
N GLY B 99 7.49 7.33 8.17
CA GLY B 99 6.34 6.82 8.90
C GLY B 99 6.70 5.78 9.95
N SER B 100 5.97 4.67 9.95
CA SER B 100 6.11 3.67 11.01
C SER B 100 5.81 2.29 10.44
N ILE B 101 6.33 1.27 11.12
CA ILE B 101 5.92 -0.09 10.88
C ILE B 101 5.66 -0.73 12.24
N ASN B 102 4.62 -1.56 12.33
CA ASN B 102 4.33 -2.17 13.62
C ASN B 102 3.80 -3.57 13.41
N SER B 103 4.09 -4.44 14.37
CA SER B 103 3.40 -5.71 14.52
C SER B 103 2.95 -5.86 15.96
N MET B 104 2.19 -4.87 16.44
CA MET B 104 1.85 -4.83 17.86
C MET B 104 1.22 -6.15 18.32
N GLY B 105 0.40 -6.76 17.48
CA GLY B 105 -0.19 -8.03 17.83
C GLY B 105 -1.38 -7.94 18.77
N LEU B 106 -2.06 -6.82 18.79
CA LEU B 106 -3.23 -6.69 19.63
C LEU B 106 -2.93 -6.78 21.12
N PRO B 107 -1.87 -6.13 21.61
CA PRO B 107 -1.67 -6.04 23.06
C PRO B 107 -2.71 -5.11 23.64
N ASN B 108 -3.44 -5.58 24.64
CA ASN B 108 -4.52 -4.73 25.11
C ASN B 108 -4.96 -5.21 26.48
N LYS B 109 -5.55 -4.30 27.25
CA LYS B 109 -5.94 -4.59 28.63
C LYS B 109 -7.18 -5.45 28.71
N GLY B 110 -7.78 -5.82 27.58
CA GLY B 110 -8.99 -6.63 27.63
C GLY B 110 -10.25 -5.77 27.63
N PHE B 111 -11.32 -6.38 27.12
CA PHE B 111 -12.60 -5.66 26.94
C PHE B 111 -13.13 -5.11 28.25
N ASP B 112 -13.05 -5.89 29.34
CA ASP B 112 -13.64 -5.41 30.60
C ASP B 112 -13.04 -4.08 31.03
N PHE B 113 -11.75 -3.89 30.75
CA PHE B 113 -11.08 -2.64 31.10
C PHE B 113 -11.65 -1.47 30.30
N TYR B 114 -11.75 -1.61 28.98
CA TYR B 114 -12.23 -0.49 28.16
C TYR B 114 -13.73 -0.26 28.37
N LEU B 115 -14.49 -1.33 28.63
CA LEU B 115 -15.90 -1.16 28.99
C LEU B 115 -16.04 -0.34 30.24
N ALA B 116 -15.23 -0.64 31.27
CA ALA B 116 -15.23 0.11 32.51
C ALA B 116 -14.81 1.57 32.29
N TYR B 117 -13.79 1.80 31.48
CA TYR B 117 -13.43 3.19 31.16
C TYR B 117 -14.64 3.92 30.57
N SER B 118 -15.29 3.31 29.57
CA SER B 118 -16.45 3.94 28.92
C SER B 118 -17.59 4.16 29.89
N ALA B 119 -17.81 3.20 30.78
CA ALA B 119 -18.99 3.23 31.65
C ALA B 119 -18.81 4.21 32.81
N ARG B 120 -17.58 4.30 33.36
CA ARG B 120 -17.36 4.92 34.66
C ARG B 120 -16.30 6.01 34.69
N HIS B 121 -15.32 6.01 33.79
CA HIS B 121 -14.21 6.93 33.89
C HIS B 121 -14.25 8.08 32.89
N HIS B 122 -14.80 7.86 31.70
CA HIS B 122 -14.71 8.89 30.67
C HIS B 122 -15.61 10.08 30.96
N ASP B 123 -15.07 11.28 30.75
CA ASP B 123 -15.82 12.53 30.93
C ASP B 123 -16.49 12.89 29.61
N TYR B 124 -17.77 12.52 29.46
CA TYR B 124 -18.49 12.79 28.22
C TYR B 124 -18.81 14.27 28.04
N SER B 125 -18.79 15.07 29.12
CA SER B 125 -18.95 16.51 28.93
C SER B 125 -17.74 17.14 28.26
N ARG B 126 -16.58 16.44 28.27
CA ARG B 126 -15.40 16.93 27.56
C ARG B 126 -15.49 16.65 26.06
N LYS B 127 -15.89 15.41 25.67
CA LYS B 127 -15.96 15.02 24.27
C LYS B 127 -16.53 13.62 24.12
N PRO B 128 -17.09 13.28 22.95
CA PRO B 128 -17.56 11.90 22.73
C PRO B 128 -16.41 10.90 22.69
N LEU B 129 -16.78 9.63 22.91
CA LEU B 129 -15.85 8.52 23.00
C LEU B 129 -16.23 7.40 22.06
N PHE B 130 -15.22 6.83 21.37
CA PHE B 130 -15.40 5.63 20.59
C PHE B 130 -14.66 4.48 21.26
N ILE B 131 -15.20 3.28 21.13
CA ILE B 131 -14.54 2.07 21.62
C ILE B 131 -14.32 1.15 20.43
N SER B 132 -13.08 0.67 20.26
CA SER B 132 -12.72 -0.22 19.17
C SER B 132 -12.67 -1.65 19.69
N ILE B 133 -13.32 -2.57 19.01
CA ILE B 133 -13.26 -3.97 19.40
C ILE B 133 -12.69 -4.79 18.25
N SER B 134 -11.94 -5.82 18.59
CA SER B 134 -11.31 -6.62 17.56
C SER B 134 -11.14 -8.05 18.04
N GLY B 135 -12.26 -8.71 18.33
CA GLY B 135 -12.24 -10.13 18.65
C GLY B 135 -11.75 -10.97 17.48
N PHE B 136 -11.35 -12.20 17.80
CA PHE B 136 -10.76 -13.10 16.82
C PHE B 136 -11.78 -13.92 16.05
N SER B 137 -13.08 -13.75 16.32
CA SER B 137 -14.11 -14.42 15.57
C SER B 137 -15.36 -13.56 15.62
N ALA B 138 -16.32 -13.86 14.73
CA ALA B 138 -17.58 -13.15 14.77
C ALA B 138 -18.27 -13.32 16.10
N GLU B 139 -18.21 -14.53 16.68
CA GLU B 139 -18.85 -14.79 17.96
C GLU B 139 -18.19 -14.01 19.10
N GLU B 140 -16.86 -13.92 19.11
CA GLU B 140 -16.21 -13.12 20.16
C GLU B 140 -16.68 -11.67 20.10
N ASN B 141 -16.73 -11.10 18.89
CA ASN B 141 -17.19 -9.73 18.72
C ASN B 141 -18.64 -9.58 19.17
N ALA B 142 -19.51 -10.52 18.80
CA ALA B 142 -20.91 -10.39 19.15
C ALA B 142 -21.12 -10.47 20.66
N GLU B 143 -20.35 -11.29 21.36
CA GLU B 143 -20.49 -11.37 22.80
C GLU B 143 -20.06 -10.06 23.47
N MET B 144 -18.98 -9.45 23.00
CA MET B 144 -18.58 -8.13 23.53
C MET B 144 -19.65 -7.08 23.26
N CYS B 145 -20.25 -7.10 22.07
CA CYS B 145 -21.30 -6.12 21.76
C CYS B 145 -22.49 -6.27 22.67
N LYS B 146 -22.83 -7.50 23.07
CA LYS B 146 -23.97 -7.68 23.97
C LYS B 146 -23.73 -6.98 25.30
N ARG B 147 -22.49 -7.01 25.80
CA ARG B 147 -22.21 -6.32 27.05
C ARG B 147 -22.04 -4.82 26.87
N LEU B 148 -21.57 -4.40 25.69
CA LEU B 148 -21.40 -2.97 25.45
C LEU B 148 -22.74 -2.26 25.29
N ALA B 149 -23.74 -2.96 24.74
CA ALA B 149 -25.01 -2.33 24.39
C ALA B 149 -25.61 -1.48 25.50
N PRO B 150 -25.76 -1.98 26.73
CA PRO B 150 -26.37 -1.13 27.77
C PRO B 150 -25.53 0.09 28.11
N VAL B 151 -24.19 -0.02 28.01
CA VAL B 151 -23.32 1.13 28.27
C VAL B 151 -23.40 2.14 27.14
N ALA B 152 -23.47 1.67 25.89
CA ALA B 152 -23.71 2.59 24.79
C ALA B 152 -25.04 3.32 24.97
N ALA B 153 -26.08 2.61 25.40
CA ALA B 153 -27.39 3.25 25.53
C ALA B 153 -27.39 4.31 26.62
N GLU B 154 -26.69 4.05 27.73
CA GLU B 154 -26.73 4.90 28.90
C GLU B 154 -25.75 6.06 28.81
N LYS B 155 -24.53 5.80 28.31
CA LYS B 155 -23.44 6.78 28.30
C LYS B 155 -23.19 7.39 26.92
N GLY B 156 -23.47 6.66 25.84
CA GLY B 156 -23.31 7.21 24.53
C GLY B 156 -21.99 6.89 23.83
N VAL B 157 -21.16 6.02 24.41
CA VAL B 157 -19.98 5.55 23.71
C VAL B 157 -20.40 4.90 22.39
N ILE B 158 -19.55 5.06 21.37
CA ILE B 158 -19.84 4.64 19.99
C ILE B 158 -18.87 3.54 19.57
N LEU B 159 -19.41 2.46 19.01
CA LEU B 159 -18.59 1.31 18.63
C LEU B 159 -17.95 1.45 17.25
N GLU B 160 -16.65 1.14 17.16
CA GLU B 160 -15.93 0.93 15.90
C GLU B 160 -15.46 -0.52 15.87
N LEU B 161 -15.89 -1.28 14.86
CA LEU B 161 -15.51 -2.67 14.70
C LEU B 161 -14.26 -2.78 13.83
N ASN B 162 -13.21 -3.38 14.35
CA ASN B 162 -11.97 -3.50 13.59
C ASN B 162 -12.04 -4.74 12.69
N LEU B 163 -12.11 -4.54 11.37
CA LEU B 163 -12.11 -5.63 10.41
C LEU B 163 -10.82 -5.66 9.60
N SER B 164 -9.72 -5.12 10.13
CA SER B 164 -8.50 -4.89 9.31
C SER B 164 -7.16 -5.10 10.03
N CYS B 165 -7.17 -5.79 11.27
CA CYS B 165 -5.82 -6.06 11.82
C CYS B 165 -5.04 -6.69 10.92
N PRO B 166 -3.83 -6.21 10.59
CA PRO B 166 -2.91 -6.94 9.70
C PRO B 166 -1.89 -7.79 10.46
N ASN B 167 -1.99 -7.92 11.80
CA ASN B 167 -0.99 -8.60 12.60
C ASN B 167 -1.57 -9.76 13.42
N VAL B 168 -2.69 -10.34 12.98
CA VAL B 168 -3.33 -11.45 13.67
C VAL B 168 -2.73 -12.75 13.15
N PRO B 169 -2.08 -13.56 13.99
CA PRO B 169 -1.40 -14.77 13.48
C PRO B 169 -2.38 -15.74 12.82
N GLY B 170 -2.11 -16.05 11.54
CA GLY B 170 -2.89 -17.01 10.77
C GLY B 170 -4.19 -16.51 10.19
N LYS B 171 -4.71 -15.36 10.66
CA LYS B 171 -6.01 -14.85 10.20
C LYS B 171 -5.82 -13.57 9.39
N PRO B 172 -5.98 -13.58 8.07
CA PRO B 172 -5.80 -12.36 7.29
C PRO B 172 -6.86 -11.31 7.63
N GLN B 173 -6.59 -10.07 7.23
N GLN B 173 -6.60 -10.08 7.22
CA GLN B 173 -7.56 -9.00 7.31
CA GLN B 173 -7.57 -9.00 7.36
C GLN B 173 -8.95 -9.51 6.97
C GLN B 173 -8.95 -9.50 6.98
N VAL B 174 -9.88 -9.43 7.94
CA VAL B 174 -11.23 -9.96 7.72
C VAL B 174 -11.87 -9.30 6.51
N ALA B 175 -11.72 -7.99 6.36
CA ALA B 175 -12.35 -7.34 5.23
C ALA B 175 -11.67 -7.67 3.90
N TYR B 176 -10.59 -8.47 3.88
CA TYR B 176 -10.08 -8.96 2.61
C TYR B 176 -10.76 -10.26 2.18
N ASP B 177 -11.79 -10.69 2.89
CA ASP B 177 -12.55 -11.90 2.59
C ASP B 177 -14.02 -11.52 2.69
N PHE B 178 -14.67 -11.24 1.53
CA PHE B 178 -15.98 -10.59 1.60
C PHE B 178 -17.03 -11.48 2.21
N ASP B 179 -16.88 -12.81 2.12
CA ASP B 179 -17.81 -13.69 2.81
C ASP B 179 -17.70 -13.56 4.33
N ALA B 180 -16.47 -13.52 4.86
CA ALA B 180 -16.32 -13.31 6.30
C ALA B 180 -16.78 -11.92 6.70
N MET B 181 -16.46 -10.90 5.90
CA MET B 181 -16.91 -9.55 6.24
C MET B 181 -18.42 -9.53 6.41
N ARG B 182 -19.16 -10.07 5.44
CA ARG B 182 -20.62 -10.12 5.56
C ARG B 182 -21.04 -10.90 6.80
N ARG B 183 -20.37 -12.01 7.09
CA ARG B 183 -20.73 -12.79 8.26
C ARG B 183 -20.55 -12.02 9.56
N TYR B 184 -19.42 -11.30 9.70
CA TYR B 184 -19.21 -10.47 10.88
C TYR B 184 -20.29 -9.41 11.02
N LEU B 185 -20.60 -8.70 9.94
CA LEU B 185 -21.57 -7.60 10.04
C LEU B 185 -22.96 -8.13 10.40
N ALA B 186 -23.34 -9.28 9.81
CA ALA B 186 -24.59 -9.92 10.17
C ALA B 186 -24.62 -10.29 11.64
N ALA B 187 -23.53 -10.86 12.16
CA ALA B 187 -23.49 -11.29 13.56
C ALA B 187 -23.54 -10.09 14.51
N ILE B 188 -22.76 -9.05 14.22
CA ILE B 188 -22.81 -7.85 15.06
C ILE B 188 -24.20 -7.22 14.98
N SER B 189 -24.75 -7.08 13.77
CA SER B 189 -26.03 -6.41 13.66
C SER B 189 -27.12 -7.15 14.41
N GLU B 190 -27.03 -8.49 14.48
CA GLU B 190 -28.00 -9.23 15.26
C GLU B 190 -27.81 -9.01 16.76
N ALA B 191 -26.55 -8.97 17.21
CA ALA B 191 -26.25 -8.87 18.65
C ALA B 191 -26.32 -7.45 19.19
N TYR B 192 -26.16 -6.42 18.36
CA TYR B 192 -25.96 -5.06 18.86
C TYR B 192 -27.08 -4.16 18.35
N PRO B 193 -27.83 -3.47 19.22
CA PRO B 193 -28.99 -2.68 18.76
C PRO B 193 -28.65 -1.31 18.20
N HIS B 194 -27.44 -0.82 18.41
CA HIS B 194 -27.14 0.55 18.04
C HIS B 194 -26.37 0.62 16.74
N PRO B 195 -26.32 1.80 16.14
CA PRO B 195 -25.46 1.99 14.97
C PRO B 195 -23.99 1.89 15.39
N PHE B 196 -23.15 1.48 14.44
CA PHE B 196 -21.73 1.31 14.74
C PHE B 196 -20.95 1.60 13.49
N GLY B 197 -19.63 1.69 13.61
CA GLY B 197 -18.76 1.92 12.48
C GLY B 197 -17.83 0.74 12.28
N VAL B 198 -17.13 0.76 11.15
CA VAL B 198 -16.21 -0.31 10.79
C VAL B 198 -14.90 0.32 10.37
N LYS B 199 -13.79 -0.24 10.89
CA LYS B 199 -12.46 0.16 10.48
C LYS B 199 -12.00 -0.77 9.35
N MET B 200 -11.72 -0.19 8.17
CA MET B 200 -11.44 -0.95 6.94
C MET B 200 -9.96 -0.97 6.59
N PRO B 201 -9.52 -2.08 6.00
CA PRO B 201 -8.18 -2.14 5.38
C PRO B 201 -8.18 -1.37 4.07
N PRO B 202 -7.00 -0.97 3.56
CA PRO B 202 -6.97 -0.33 2.24
C PRO B 202 -7.26 -1.33 1.13
N TYR B 203 -8.00 -0.86 0.12
CA TYR B 203 -8.17 -1.57 -1.13
C TYR B 203 -7.45 -0.82 -2.24
N PHE B 204 -7.20 -1.53 -3.33
CA PHE B 204 -6.31 -1.02 -4.37
C PHE B 204 -6.87 -1.21 -5.77
N ASP B 205 -8.14 -1.56 -5.90
CA ASP B 205 -8.75 -1.60 -7.23
C ASP B 205 -10.25 -1.42 -7.06
N PHE B 206 -10.89 -0.90 -8.12
CA PHE B 206 -12.29 -0.52 -8.02
C PHE B 206 -13.20 -1.73 -7.87
N ALA B 207 -12.81 -2.90 -8.37
CA ALA B 207 -13.65 -4.07 -8.15
C ALA B 207 -13.81 -4.35 -6.66
N HIS B 208 -12.74 -4.23 -5.89
CA HIS B 208 -12.85 -4.45 -4.45
C HIS B 208 -13.63 -3.32 -3.75
N PHE B 209 -13.41 -2.06 -4.17
CA PHE B 209 -14.23 -0.96 -3.63
C PHE B 209 -15.71 -1.24 -3.84
N ASP B 210 -16.08 -1.63 -5.06
CA ASP B 210 -17.50 -1.90 -5.34
C ASP B 210 -18.01 -3.06 -4.50
N ALA B 211 -17.23 -4.15 -4.38
CA ALA B 211 -17.71 -5.29 -3.60
C ALA B 211 -17.85 -4.93 -2.12
N ALA B 212 -16.88 -4.21 -1.55
CA ALA B 212 -17.00 -3.83 -0.14
C ALA B 212 -18.17 -2.89 0.08
N ALA B 213 -18.35 -1.91 -0.81
CA ALA B 213 -19.43 -0.95 -0.61
C ALA B 213 -20.79 -1.62 -0.76
N GLU B 214 -20.92 -2.54 -1.72
CA GLU B 214 -22.17 -3.25 -1.88
C GLU B 214 -22.56 -3.98 -0.60
N ILE B 215 -21.57 -4.58 0.09
CA ILE B 215 -21.87 -5.27 1.35
C ILE B 215 -22.22 -4.24 2.43
N LEU B 216 -21.40 -3.21 2.59
CA LEU B 216 -21.67 -2.24 3.64
C LEU B 216 -23.04 -1.60 3.49
N ASN B 217 -23.45 -1.32 2.26
CA ASN B 217 -24.73 -0.64 2.05
C ASN B 217 -25.93 -1.51 2.41
N GLN B 218 -25.73 -2.80 2.65
CA GLN B 218 -26.81 -3.69 3.04
C GLN B 218 -27.00 -3.77 4.54
N PHE B 219 -26.17 -3.08 5.32
CA PHE B 219 -26.29 -3.11 6.78
C PHE B 219 -26.59 -1.71 7.29
N PRO B 220 -27.85 -1.42 7.58
CA PRO B 220 -28.22 -0.05 7.98
C PRO B 220 -27.59 0.39 9.27
N LYS B 221 -27.19 -0.52 10.15
CA LYS B 221 -26.56 -0.09 11.39
C LYS B 221 -25.12 0.37 11.19
N VAL B 222 -24.50 0.04 10.07
CA VAL B 222 -23.17 0.59 9.80
C VAL B 222 -23.36 2.06 9.43
N GLN B 223 -23.00 2.95 10.35
N GLN B 223 -22.99 2.94 10.35
CA GLN B 223 -23.19 4.37 10.12
CA GLN B 223 -23.17 4.38 10.18
C GLN B 223 -21.90 5.11 9.73
C GLN B 223 -21.90 5.13 9.77
N PHE B 224 -20.73 4.53 9.94
CA PHE B 224 -19.50 5.18 9.48
C PHE B 224 -18.48 4.11 9.13
N ILE B 225 -17.59 4.50 8.23
CA ILE B 225 -16.54 3.66 7.69
C ILE B 225 -15.23 4.40 7.91
N THR B 226 -14.27 3.78 8.60
CA THR B 226 -12.98 4.41 8.79
C THR B 226 -11.97 3.85 7.80
N CYS B 227 -11.43 4.72 6.95
CA CYS B 227 -10.42 4.38 5.95
C CYS B 227 -9.19 5.21 6.27
N ILE B 228 -8.07 4.58 6.66
CA ILE B 228 -7.76 3.15 6.53
C ILE B 228 -6.97 2.69 7.76
N ASN B 229 -7.00 1.38 8.01
CA ASN B 229 -5.98 0.73 8.82
C ASN B 229 -4.64 0.77 8.09
N SER B 230 -3.60 0.26 8.75
N SER B 230 -3.61 0.23 8.74
CA SER B 230 -2.27 0.27 8.15
CA SER B 230 -2.27 0.21 8.15
C SER B 230 -2.25 -0.53 6.84
C SER B 230 -2.27 -0.54 6.82
N ILE B 231 -1.33 -0.18 5.96
CA ILE B 231 -1.06 -0.98 4.76
C ILE B 231 -0.29 -2.21 5.22
N GLY B 232 -0.89 -3.37 5.05
CA GLY B 232 -0.42 -4.56 5.75
C GLY B 232 0.85 -5.13 5.16
N ASN B 233 1.67 -5.69 6.06
CA ASN B 233 2.79 -6.57 5.69
C ASN B 233 3.81 -5.92 4.75
N GLY B 234 4.22 -4.70 5.08
CA GLY B 234 5.43 -4.13 4.53
C GLY B 234 6.65 -4.76 5.23
N LEU B 235 7.83 -4.40 4.76
CA LEU B 235 9.05 -4.96 5.35
C LEU B 235 10.14 -3.90 5.32
N VAL B 236 10.82 -3.75 6.45
CA VAL B 236 11.94 -2.82 6.58
C VAL B 236 13.16 -3.62 7.03
N ILE B 237 14.31 -3.30 6.44
CA ILE B 237 15.58 -3.96 6.74
C ILE B 237 16.61 -2.87 7.05
N ASP B 238 17.38 -3.06 8.12
CA ASP B 238 18.43 -2.10 8.47
C ASP B 238 19.69 -2.40 7.65
N VAL B 239 20.22 -1.37 6.98
CA VAL B 239 21.41 -1.57 6.15
C VAL B 239 22.57 -2.06 7.02
N GLU B 240 22.76 -1.47 8.19
CA GLU B 240 23.98 -1.72 8.96
C GLU B 240 23.99 -3.15 9.50
N THR B 241 22.87 -3.60 10.06
CA THR B 241 22.80 -4.94 10.63
C THR B 241 22.30 -5.98 9.65
N GLU B 242 21.87 -5.55 8.46
CA GLU B 242 21.31 -6.44 7.45
C GLU B 242 20.16 -7.29 8.00
N SER B 243 19.44 -6.76 8.99
CA SER B 243 18.37 -7.55 9.59
C SER B 243 17.07 -6.74 9.65
N VAL B 244 15.95 -7.46 9.76
CA VAL B 244 14.65 -6.81 9.89
C VAL B 244 14.61 -6.03 11.20
N VAL B 245 13.75 -5.01 11.26
CA VAL B 245 13.76 -4.07 12.38
C VAL B 245 12.69 -4.36 13.43
N ILE B 246 11.74 -5.24 13.15
CA ILE B 246 10.80 -5.72 14.16
C ILE B 246 10.83 -7.24 14.17
N LYS B 247 10.48 -7.81 15.32
CA LYS B 247 10.76 -9.22 15.58
C LYS B 247 9.71 -10.18 15.03
N PRO B 248 8.42 -9.95 15.28
CA PRO B 248 7.39 -10.94 14.88
C PRO B 248 7.34 -11.14 13.37
N LYS B 249 6.79 -12.30 12.98
CA LYS B 249 6.38 -12.53 11.59
C LYS B 249 7.48 -12.21 10.58
N GLN B 250 8.73 -12.64 10.87
CA GLN B 250 9.88 -12.43 9.96
C GLN B 250 10.10 -10.95 9.60
N GLY B 251 9.69 -10.03 10.46
CA GLY B 251 9.88 -8.61 10.18
C GLY B 251 8.75 -7.92 9.43
N PHE B 252 7.70 -8.64 9.02
CA PHE B 252 6.59 -8.05 8.26
C PHE B 252 5.63 -7.34 9.23
N GLY B 253 5.11 -6.19 8.82
CA GLY B 253 4.20 -5.46 9.70
C GLY B 253 3.48 -4.35 8.97
N GLY B 254 2.56 -3.69 9.67
CA GLY B 254 1.70 -2.69 9.04
C GLY B 254 2.38 -1.33 8.95
N LEU B 255 2.22 -0.68 7.80
CA LEU B 255 2.84 0.63 7.56
C LEU B 255 1.87 1.73 7.91
N GLY B 256 2.38 2.76 8.59
CA GLY B 256 1.60 3.96 8.84
C GLY B 256 2.41 5.19 8.45
N GLY B 257 1.75 6.33 8.45
CA GLY B 257 2.50 7.54 8.20
C GLY B 257 2.43 8.04 6.78
N ARG B 258 3.49 8.73 6.37
CA ARG B 258 3.47 9.38 5.06
C ARG B 258 3.37 8.36 3.93
N TYR B 259 3.88 7.14 4.14
CA TYR B 259 3.76 6.10 3.11
C TYR B 259 2.33 5.91 2.66
N VAL B 260 1.37 6.06 3.56
CA VAL B 260 0.03 5.59 3.27
C VAL B 260 -0.91 6.70 2.84
N PHE B 261 -0.43 7.94 2.71
CA PHE B 261 -1.37 9.05 2.54
C PHE B 261 -2.15 9.00 1.23
N PRO B 262 -1.53 8.86 0.06
CA PRO B 262 -2.35 8.77 -1.17
C PRO B 262 -3.28 7.57 -1.18
N THR B 263 -2.86 6.42 -0.62
CA THR B 263 -3.78 5.30 -0.50
C THR B 263 -4.95 5.63 0.42
N ALA B 264 -4.68 6.28 1.56
CA ALA B 264 -5.78 6.63 2.47
C ALA B 264 -6.78 7.59 1.82
N LEU B 265 -6.30 8.63 1.14
CA LEU B 265 -7.23 9.56 0.48
C LEU B 265 -8.06 8.84 -0.56
N ALA B 266 -7.42 7.93 -1.31
CA ALA B 266 -8.16 7.21 -2.34
C ALA B 266 -9.26 6.37 -1.72
N ASN B 267 -8.99 5.74 -0.58
CA ASN B 267 -10.01 4.91 0.05
C ASN B 267 -11.12 5.77 0.63
N VAL B 268 -10.76 6.88 1.28
CA VAL B 268 -11.78 7.81 1.77
C VAL B 268 -12.70 8.24 0.64
N ASN B 269 -12.11 8.65 -0.49
CA ASN B 269 -12.97 9.17 -1.56
C ASN B 269 -13.76 8.05 -2.25
N ALA B 270 -13.17 6.87 -2.43
CA ALA B 270 -13.91 5.77 -3.06
C ALA B 270 -15.15 5.39 -2.27
N PHE B 271 -15.02 5.27 -0.94
CA PHE B 271 -16.19 4.95 -0.13
C PHE B 271 -17.11 6.14 0.06
N TYR B 272 -16.58 7.36 0.10
CA TYR B 272 -17.48 8.52 0.13
C TYR B 272 -18.43 8.50 -1.08
N ARG B 273 -17.88 8.20 -2.27
CA ARG B 273 -18.70 8.15 -3.47
C ARG B 273 -19.68 6.99 -3.45
N ARG B 274 -19.27 5.84 -2.93
CA ARG B 274 -20.06 4.62 -3.06
C ARG B 274 -21.03 4.39 -1.91
N CYS B 275 -20.86 5.05 -0.76
CA CYS B 275 -21.71 4.85 0.41
C CYS B 275 -22.22 6.20 0.87
N PRO B 276 -23.05 6.87 0.06
CA PRO B 276 -23.53 8.21 0.45
C PRO B 276 -24.34 8.21 1.72
N GLY B 277 -24.92 7.09 2.13
CA GLY B 277 -25.69 7.06 3.35
C GLY B 277 -24.88 6.80 4.62
N LYS B 278 -23.55 6.72 4.51
CA LYS B 278 -22.69 6.49 5.65
C LYS B 278 -21.72 7.65 5.78
N LEU B 279 -21.20 7.85 6.99
CA LEU B 279 -20.10 8.79 7.17
C LEU B 279 -18.78 8.08 6.88
N ILE B 280 -17.80 8.81 6.36
CA ILE B 280 -16.44 8.30 6.20
C ILE B 280 -15.54 9.00 7.21
N PHE B 281 -14.74 8.24 7.94
CA PHE B 281 -13.70 8.81 8.79
C PHE B 281 -12.37 8.55 8.10
N GLY B 282 -11.52 9.57 8.01
CA GLY B 282 -10.24 9.45 7.34
C GLY B 282 -9.15 9.14 8.35
N CYS B 283 -8.28 8.23 7.97
CA CYS B 283 -7.16 7.86 8.84
C CYS B 283 -6.02 7.50 7.91
N GLY B 284 -4.86 8.13 8.08
CA GLY B 284 -3.69 7.75 7.32
C GLY B 284 -2.89 8.95 6.86
N GLY B 285 -1.63 9.04 7.33
CA GLY B 285 -0.69 10.02 6.82
C GLY B 285 -0.88 11.46 7.26
N VAL B 286 -1.69 11.72 8.29
CA VAL B 286 -1.96 13.09 8.71
C VAL B 286 -0.83 13.59 9.60
N TYR B 287 -0.05 14.55 9.09
CA TYR B 287 0.93 15.27 9.90
C TYR B 287 0.70 16.77 9.99
N THR B 288 -0.15 17.35 9.13
CA THR B 288 -0.36 18.79 9.10
C THR B 288 -1.83 19.10 8.91
N GLY B 289 -2.21 20.36 9.14
CA GLY B 289 -3.57 20.78 8.83
C GLY B 289 -3.92 20.66 7.35
N GLU B 290 -2.93 20.83 6.48
CA GLU B 290 -3.18 20.63 5.04
C GLU B 290 -3.53 19.19 4.74
N ASP B 291 -2.81 18.23 5.35
CA ASP B 291 -3.19 16.82 5.16
C ASP B 291 -4.62 16.59 5.59
N ALA B 292 -5.03 17.16 6.73
CA ALA B 292 -6.39 16.98 7.21
C ALA B 292 -7.39 17.62 6.27
N PHE B 293 -7.03 18.79 5.72
CA PHE B 293 -7.89 19.48 4.77
C PHE B 293 -8.18 18.59 3.56
N LEU B 294 -7.15 17.91 3.05
CA LEU B 294 -7.33 17.00 1.93
C LEU B 294 -8.22 15.81 2.28
N HIS B 295 -8.04 15.22 3.47
CA HIS B 295 -8.96 14.17 3.90
C HIS B 295 -10.40 14.66 3.87
N VAL B 296 -10.65 15.85 4.42
CA VAL B 296 -12.03 16.35 4.42
C VAL B 296 -12.52 16.61 3.00
N LEU B 297 -11.67 17.20 2.15
CA LEU B 297 -12.03 17.42 0.75
C LEU B 297 -12.40 16.11 0.05
N ALA B 298 -11.71 15.02 0.40
CA ALA B 298 -12.00 13.72 -0.16
C ALA B 298 -13.27 13.12 0.42
N GLY B 299 -13.77 13.66 1.51
CA GLY B 299 -15.04 13.21 2.06
C GLY B 299 -15.03 12.88 3.54
N ALA B 300 -13.91 13.02 4.23
CA ALA B 300 -13.85 12.63 5.64
C ALA B 300 -14.67 13.56 6.53
N SER B 301 -15.47 12.95 7.44
CA SER B 301 -16.17 13.69 8.50
C SER B 301 -15.27 13.91 9.72
N MET B 302 -14.64 12.85 10.23
CA MET B 302 -13.61 12.95 11.26
C MET B 302 -12.28 12.55 10.64
N VAL B 303 -11.19 13.02 11.25
CA VAL B 303 -9.83 12.76 10.79
C VAL B 303 -9.04 12.18 11.96
N GLN B 304 -8.52 10.96 11.80
CA GLN B 304 -7.80 10.27 12.86
C GLN B 304 -6.30 10.39 12.61
N VAL B 305 -5.54 10.43 13.70
CA VAL B 305 -4.10 10.71 13.65
C VAL B 305 -3.38 9.60 14.41
N GLY B 306 -2.56 8.81 13.70
CA GLY B 306 -1.88 7.69 14.34
C GLY B 306 -0.39 7.95 14.52
N THR B 307 0.42 7.62 13.52
CA THR B 307 1.87 7.71 13.66
C THR B 307 2.32 9.09 14.15
N ALA B 308 1.78 10.17 13.55
CA ALA B 308 2.21 11.52 13.94
C ALA B 308 1.93 11.79 15.41
N LEU B 309 0.82 11.27 15.92
CA LEU B 309 0.51 11.47 17.33
C LEU B 309 1.41 10.62 18.21
N HIS B 310 1.74 9.42 17.75
CA HIS B 310 2.71 8.59 18.47
C HIS B 310 4.01 9.36 18.70
N GLU B 311 4.42 10.15 17.70
CA GLU B 311 5.71 10.83 17.77
C GLU B 311 5.63 12.14 18.53
N GLU B 312 4.56 12.91 18.35
CA GLU B 312 4.51 14.26 18.88
C GLU B 312 3.77 14.38 20.20
N GLY B 313 2.89 13.43 20.51
CA GLY B 313 2.06 13.54 21.70
C GLY B 313 0.86 14.44 21.46
N ALA B 314 0.06 14.59 22.51
CA ALA B 314 -1.30 15.13 22.35
C ALA B 314 -1.33 16.62 22.04
N ALA B 315 -0.22 17.35 22.26
CA ALA B 315 -0.20 18.74 21.80
C ALA B 315 -0.36 18.85 20.28
N ILE B 316 -0.19 17.75 19.55
CA ILE B 316 -0.34 17.84 18.10
C ILE B 316 -1.71 18.40 17.73
N PHE B 317 -2.73 18.17 18.57
CA PHE B 317 -4.07 18.60 18.17
C PHE B 317 -4.22 20.11 18.18
N GLU B 318 -3.47 20.80 19.04
CA GLU B 318 -3.44 22.27 19.00
C GLU B 318 -2.87 22.75 17.68
N ARG B 319 -1.85 22.06 17.20
CA ARG B 319 -1.21 22.47 15.96
C ARG B 319 -2.07 22.15 14.75
N LEU B 320 -2.70 20.98 14.73
CA LEU B 320 -3.53 20.59 13.60
C LEU B 320 -4.75 21.47 13.46
N THR B 321 -5.41 21.81 14.57
CA THR B 321 -6.56 22.70 14.42
C THR B 321 -6.13 24.08 13.94
N ALA B 322 -5.03 24.61 14.49
CA ALA B 322 -4.56 25.91 14.03
C ALA B 322 -4.21 25.88 12.54
N GLU B 323 -3.53 24.81 12.11
CA GLU B 323 -3.13 24.72 10.71
C GLU B 323 -4.33 24.55 9.78
N LEU B 324 -5.31 23.74 10.16
CA LEU B 324 -6.49 23.59 9.31
C LEU B 324 -7.29 24.89 9.22
N LEU B 325 -7.38 25.61 10.35
CA LEU B 325 -8.08 26.91 10.32
C LEU B 325 -7.36 27.90 9.41
N ASP B 326 -6.03 27.85 9.38
CA ASP B 326 -5.26 28.70 8.46
C ASP B 326 -5.60 28.39 7.01
N VAL B 327 -5.60 27.11 6.63
CA VAL B 327 -5.98 26.75 5.27
C VAL B 327 -7.37 27.30 4.95
N MET B 328 -8.31 27.10 5.87
CA MET B 328 -9.69 27.55 5.63
C MET B 328 -9.76 29.06 5.49
N ALA B 329 -8.99 29.79 6.31
CA ALA B 329 -9.03 31.26 6.28
C ALA B 329 -8.49 31.79 4.96
N LYS B 330 -7.41 31.19 4.45
CA LYS B 330 -6.89 31.62 3.16
C LYS B 330 -7.87 31.39 2.04
N LYS B 331 -8.80 30.44 2.20
CA LYS B 331 -9.76 30.14 1.15
C LYS B 331 -11.13 30.74 1.39
N GLY B 332 -11.35 31.44 2.49
CA GLY B 332 -12.65 31.97 2.81
C GLY B 332 -13.68 30.98 3.30
N TYR B 333 -13.27 29.78 3.71
CA TYR B 333 -14.23 28.81 4.23
C TYR B 333 -14.54 29.10 5.70
N LYS B 334 -15.81 29.00 6.05
CA LYS B 334 -16.26 29.22 7.41
C LYS B 334 -16.67 27.96 8.12
N ALA B 335 -16.91 26.87 7.40
CA ALA B 335 -17.36 25.63 8.00
C ALA B 335 -16.85 24.49 7.14
N LEU B 336 -16.65 23.33 7.76
CA LEU B 336 -16.13 22.20 7.01
C LEU B 336 -17.11 21.72 5.94
N ASP B 337 -18.42 21.85 6.18
CA ASP B 337 -19.39 21.45 5.16
C ASP B 337 -19.28 22.28 3.89
N GLU B 338 -18.57 23.42 3.93
CA GLU B 338 -18.39 24.18 2.69
C GLU B 338 -17.47 23.48 1.70
N PHE B 339 -16.66 22.51 2.13
CA PHE B 339 -15.80 21.83 1.17
C PHE B 339 -15.69 20.32 1.36
N ARG B 340 -16.28 19.74 2.41
CA ARG B 340 -16.20 18.29 2.60
C ARG B 340 -16.75 17.56 1.38
N GLY B 341 -15.94 16.66 0.83
CA GLY B 341 -16.36 15.88 -0.31
C GLY B 341 -16.30 16.60 -1.65
N LYS B 342 -15.83 17.85 -1.68
CA LYS B 342 -15.88 18.69 -2.88
C LYS B 342 -14.59 18.68 -3.69
N VAL B 343 -13.77 17.65 -3.53
CA VAL B 343 -12.61 17.52 -4.42
C VAL B 343 -13.09 17.65 -5.86
N LYS B 344 -12.33 18.39 -6.68
CA LYS B 344 -12.70 18.65 -8.06
C LYS B 344 -12.02 17.66 -9.00
N ALA B 345 -12.77 17.18 -10.00
CA ALA B 345 -12.17 16.35 -11.04
C ALA B 345 -11.39 17.23 -12.03
N MET B 346 -10.77 16.59 -13.02
CA MET B 346 -10.09 17.32 -14.11
C MET B 346 -10.77 17.03 -15.45
N1 FMN C . 5.01 -0.97 -15.27
C2 FMN C . 4.73 -1.92 -16.25
O2 FMN C . 4.80 -3.12 -15.98
N3 FMN C . 4.38 -1.50 -17.51
C4 FMN C . 4.32 -0.17 -17.84
O4 FMN C . 4.00 0.17 -18.99
C4A FMN C . 4.60 0.79 -16.87
N5 FMN C . 4.52 2.15 -17.18
C5A FMN C . 4.81 3.08 -16.22
C6 FMN C . 4.77 4.44 -16.53
C7 FMN C . 5.06 5.39 -15.54
C7M FMN C . 4.99 6.84 -15.91
C8 FMN C . 5.42 4.98 -14.25
C8M FMN C . 5.73 5.98 -13.17
C9 FMN C . 5.47 3.63 -13.95
C9A FMN C . 5.17 2.68 -14.92
N10 FMN C . 5.22 1.33 -14.60
C10 FMN C . 4.94 0.38 -15.58
C1' FMN C . 5.58 0.91 -13.20
C2' FMN C . 7.07 0.82 -12.96
O2' FMN C . 7.57 -0.17 -13.85
C3' FMN C . 7.34 0.41 -11.51
O3' FMN C . 6.75 -0.84 -11.29
C4' FMN C . 6.80 1.42 -10.49
O4' FMN C . 6.97 2.75 -10.92
C5' FMN C . 7.48 1.27 -9.13
O5' FMN C . 8.85 1.55 -9.29
P FMN C . 9.47 2.93 -8.73
O1P FMN C . 10.96 2.96 -8.96
O2P FMN C . 8.73 4.00 -9.51
O3P FMN C . 9.17 3.05 -7.26
HN3 FMN C . 4.14 -2.22 -18.23
H6 FMN C . 4.60 4.76 -17.55
HM71 FMN C . 5.64 7.43 -15.25
HM72 FMN C . 3.96 7.19 -15.80
HM73 FMN C . 5.31 6.97 -16.93
HM81 FMN C . 5.90 5.45 -12.23
HM82 FMN C . 4.90 6.67 -13.06
HM83 FMN C . 6.64 6.53 -13.43
H9 FMN C . 6.02 3.32 -13.06
H1'1 FMN C . 5.14 -0.07 -13.01
H1'2 FMN C . 5.12 1.58 -12.48
H2' FMN C . 7.53 1.79 -13.17
HO2' FMN C . 8.36 0.18 -14.32
H3' FMN C . 8.42 0.36 -11.39
HO3' FMN C . 6.22 -0.82 -10.48
H4' FMN C . 5.73 1.22 -10.34
HO4' FMN C . 7.35 3.30 -10.21
H5'1 FMN C . 7.34 0.25 -8.75
H5'2 FMN C . 7.03 1.96 -8.41
C1 GOL D . -9.86 -12.78 -20.08
O1 GOL D . -9.33 -11.51 -20.37
C2 GOL D . -9.55 -13.73 -21.22
O2 GOL D . -8.21 -13.53 -21.63
C3 GOL D . -9.76 -15.18 -20.82
O3 GOL D . -8.78 -15.53 -19.86
H11 GOL D . -10.82 -12.74 -19.96
H12 GOL D . -9.48 -13.15 -19.27
HO1 GOL D . -9.51 -10.99 -19.72
H2 GOL D . -10.15 -13.54 -21.94
HO2 GOL D . -8.07 -14.07 -22.27
H31 GOL D . -9.69 -15.75 -21.60
H32 GOL D . -10.66 -15.28 -20.46
HO3 GOL D . -8.15 -15.94 -20.25
C1 GOL E . -7.78 -11.40 -3.82
O1 GOL E . -7.68 -10.33 -4.75
C2 GOL E . -9.07 -12.17 -3.95
O2 GOL E . -8.82 -13.53 -3.70
C3 GOL E . -10.11 -11.62 -2.98
O3 GOL E . -10.97 -10.77 -3.70
H11 GOL E . -7.76 -11.03 -2.93
H12 GOL E . -7.03 -12.03 -3.90
HO1 GOL E . -8.45 -9.98 -4.81
H2 GOL E . -9.42 -12.04 -4.85
HO2 GOL E . -8.53 -13.60 -2.91
H31 GOL E . -9.67 -11.14 -2.26
H32 GOL E . -10.58 -12.36 -2.58
HO3 GOL E . -10.55 -10.41 -4.33
C02 A1AVS F . 1.40 1.69 -13.79
C04 A1AVS F . 0.28 1.97 -16.03
C05 A1AVS F . 0.83 0.65 -16.58
C06 A1AVS F . -0.09 -0.33 -17.32
C14 A1AVS F . 0.03 -0.15 -18.84
C15 A1AVS F . -0.26 0.98 -19.46
C16 A1AVS F . -0.10 1.06 -20.97
C17 A1AVS F . 0.32 0.03 -21.68
C18 A1AVS F . 0.66 -1.27 -20.95
C19 A1AVS F . 0.53 -1.36 -19.64
C22 A1AVS F . 1.62 -0.06 -15.49
N03 A1AVS F . 0.61 2.44 -14.69
N21 A1AVS F . 1.90 0.46 -14.19
O01 A1AVS F . 1.65 2.04 -12.70
O20 A1AVS F . -0.36 2.67 -16.70
O23 A1AVS F . 2.10 -1.08 -15.73
H051 A1AVS F . 1.49 0.91 -17.23
H061 A1AVS F . 0.30 -1.20 -17.21
H151 A1AVS F . -0.56 1.72 -19.00
H161 A1AVS F . -0.30 1.85 -21.41
H171 A1AVS F . 0.42 0.09 -22.60
H181 A1AVS F . 0.96 -1.99 -21.44
H191 A1AVS F . 0.74 -2.15 -19.20
H031 A1AVS F . 0.30 3.20 -14.42
H211 A1AVS F . 2.38 0.00 -13.64
C1 GOL G . -2.19 -14.49 6.46
O1 GOL G . -1.80 -15.11 7.66
C2 GOL G . -2.18 -13.00 6.62
O2 GOL G . -2.99 -12.70 7.76
C3 GOL G . -0.79 -12.41 6.81
O3 GOL G . -0.62 -12.08 8.18
H11 GOL G . -3.06 -14.78 6.22
H12 GOL G . -1.63 -14.74 5.70
HO1 GOL G . -1.07 -15.53 7.52
H2 GOL G . -2.58 -12.63 5.83
HO2 GOL G . -3.06 -13.41 8.22
H31 GOL G . -0.71 -11.62 6.26
H32 GOL G . -0.12 -13.04 6.54
HO3 GOL G . 0.16 -11.75 8.27
N1 FMN H . -5.70 0.23 14.22
C2 FMN H . -6.78 -0.39 14.79
O2 FMN H . -7.87 -0.38 14.20
N3 FMN H . -6.69 -0.98 16.04
C4 FMN H . -5.47 -0.96 16.71
O4 FMN H . -5.37 -1.45 17.84
C4A FMN H . -4.36 -0.34 16.14
N5 FMN H . -3.15 -0.33 16.80
C5A FMN H . -2.09 0.34 16.22
C6 FMN H . -0.90 0.39 16.91
C7 FMN H . 0.16 1.07 16.33
C7M FMN H . 1.47 1.11 17.07
C8 FMN H . 0.02 1.67 15.07
C8M FMN H . 1.19 2.36 14.45
C9 FMN H . -1.19 1.65 14.38
C9A FMN H . -2.24 0.94 14.96
N10 FMN H . -3.44 0.87 14.30
C10 FMN H . -4.50 0.24 14.88
C1' FMN H . -3.63 1.51 12.95
C2' FMN H . -3.97 3.00 13.08
O2' FMN H . -5.21 3.07 13.73
C3' FMN H . -4.05 3.65 11.70
O3' FMN H . -5.09 3.07 10.95
C4' FMN H . -2.75 3.56 10.91
O4' FMN H . -1.66 3.75 11.78
C5' FMN H . -2.69 4.60 9.78
O5' FMN H . -2.71 5.90 10.35
P FMN H . -1.40 6.84 10.43
O1P FMN H . -0.42 6.13 11.36
O2P FMN H . -0.81 7.03 9.07
O3P FMN H . -1.80 8.18 10.99
HN3 FMN H . -7.47 -1.55 16.40
H6 FMN H . -0.73 -0.27 17.75
HM71 FMN H . 2.03 2.02 16.83
HM72 FMN H . 2.07 0.25 16.79
HM73 FMN H . 1.27 1.08 18.14
HM81 FMN H . 0.92 2.69 13.44
HM82 FMN H . 2.05 1.69 14.41
HM83 FMN H . 1.45 3.24 15.05
H9 FMN H . -1.40 2.41 13.64
H1'1 FMN H . -4.43 1.02 12.42
H1'2 FMN H . -2.73 1.38 12.36
H2' FMN H . -3.19 3.50 13.68
HO2' FMN H . -5.82 3.59 13.18
H3' FMN H . -4.28 4.71 11.86
HO3' FMN H . -4.75 2.85 10.06
H4' FMN H . -2.69 2.57 10.46
HO4' FMN H . -1.06 4.45 11.42
H5'1 FMN H . -3.55 4.47 9.12
H5'2 FMN H . -1.79 4.46 9.20
C1 GOL I . -14.21 -16.38 10.98
O1 GOL I . -13.24 -15.55 11.57
C2 GOL I . -15.01 -16.98 12.11
O2 GOL I . -14.07 -17.49 13.04
C3 GOL I . -15.89 -15.93 12.74
O3 GOL I . -16.89 -16.59 13.50
H11 GOL I . -13.84 -17.08 10.41
H12 GOL I . -14.82 -15.86 10.43
HO1 GOL I . -12.78 -15.20 10.94
H2 GOL I . -15.57 -17.70 11.76
HO2 GOL I . -14.51 -17.73 13.73
H31 GOL I . -16.21 -15.27 12.13
H32 GOL I . -15.26 -15.48 13.31
HO3 GOL I . -16.59 -17.33 13.77
C02 A1AVS J . -2.13 -2.37 12.92
C04 A1AVS J . -4.28 -2.96 13.92
C05 A1AVS J . -3.75 -3.99 14.92
C06 A1AVS J . -4.70 -5.18 15.06
C14 A1AVS J . -5.25 -5.58 16.46
C15 A1AVS J . -5.18 -4.81 17.53
C16 A1AVS J . -5.77 -5.26 18.86
C17 A1AVS J . -6.37 -6.43 18.98
C18 A1AVS J . -6.48 -7.33 17.75
C19 A1AVS J . -5.97 -6.93 16.60
C22 A1AVS J . -2.23 -4.19 14.68
N03 A1AVS J . -3.50 -2.18 13.02
N21 A1AVS J . -1.50 -3.34 13.73
O01 A1AVS J . -1.56 -1.72 12.13
O20 A1AVS J . -5.39 -2.68 13.93
O23 A1AVS J . -1.62 -4.96 15.31
H051 A1AVS J . -3.77 -3.51 15.75
H061 A1AVS J . -5.53 -4.90 14.64
H151 A1AVS J . -4.76 -3.98 17.49
H161 A1AVS J . -5.70 -4.72 19.60
H171 A1AVS J . -6.72 -6.70 19.79
H181 A1AVS J . -6.91 -8.15 17.82
H191 A1AVS J . -6.06 -7.51 15.87
H031 A1AVS J . -3.88 -1.58 12.53
H211 A1AVS J . -0.65 -3.47 13.64
#